data_8ASK
# 
_entry.id   8ASK 
# 
_audit_conform.dict_name       mmcif_pdbx.dic 
_audit_conform.dict_version    5.391 
_audit_conform.dict_location   http://mmcif.pdb.org/dictionaries/ascii/mmcif_pdbx.dic 
# 
loop_
_database_2.database_id 
_database_2.database_code 
_database_2.pdbx_database_accession 
_database_2.pdbx_DOI 
PDB   8ASK         pdb_00008ask 10.2210/pdb8ask/pdb 
WWPDB D_1292125054 ?            ?                   
# 
loop_
_pdbx_audit_revision_history.ordinal 
_pdbx_audit_revision_history.data_content_type 
_pdbx_audit_revision_history.major_revision 
_pdbx_audit_revision_history.minor_revision 
_pdbx_audit_revision_history.revision_date 
1 'Structure model' 1 0 2023-01-18 
2 'Structure model' 1 1 2024-05-01 
# 
_pdbx_audit_revision_details.ordinal             1 
_pdbx_audit_revision_details.revision_ordinal    1 
_pdbx_audit_revision_details.data_content_type   'Structure model' 
_pdbx_audit_revision_details.provider            repository 
_pdbx_audit_revision_details.type                'Initial release' 
_pdbx_audit_revision_details.description         ? 
_pdbx_audit_revision_details.details             ? 
# 
loop_
_pdbx_audit_revision_group.ordinal 
_pdbx_audit_revision_group.revision_ordinal 
_pdbx_audit_revision_group.data_content_type 
_pdbx_audit_revision_group.group 
1 2 'Structure model' 'Data collection'        
2 2 'Structure model' 'Refinement description' 
# 
loop_
_pdbx_audit_revision_category.ordinal 
_pdbx_audit_revision_category.revision_ordinal 
_pdbx_audit_revision_category.data_content_type 
_pdbx_audit_revision_category.category 
1 2 'Structure model' chem_comp_atom                
2 2 'Structure model' chem_comp_bond                
3 2 'Structure model' pdbx_initial_refinement_model 
# 
_pdbx_database_status.status_code                     REL 
_pdbx_database_status.status_code_sf                  REL 
_pdbx_database_status.status_code_mr                  ? 
_pdbx_database_status.entry_id                        8ASK 
_pdbx_database_status.recvd_initial_deposition_date   2022-08-19 
_pdbx_database_status.SG_entry                        N 
_pdbx_database_status.deposit_site                    PDBE 
_pdbx_database_status.process_site                    PDBE 
_pdbx_database_status.status_code_cs                  ? 
_pdbx_database_status.status_code_nmr_data            ? 
_pdbx_database_status.methods_development_category    ? 
_pdbx_database_status.pdb_format_compatible           N 
# 
_pdbx_contact_author.id                 2 
_pdbx_contact_author.email              sbirkova@mail.bg 
_pdbx_contact_author.name_first         Hristina 
_pdbx_contact_author.name_last          Sbirkova-Dimitrova 
_pdbx_contact_author.name_mi            ? 
_pdbx_contact_author.role               'principal investigator/group leader' 
_pdbx_contact_author.identifier_ORCID   0000-0002-0296-7229 
# 
loop_
_audit_author.name 
_audit_author.pdbx_ordinal 
_audit_author.identifier_ORCID 
'Sbirkova-Dimitrova, H.I.' 1 0000-0002-0296-7229 
'Shivachev, B.L.'          2 0000-0001-8765-6536 
'Rusev, R.'                3 0000-0003-1274-0885 
'Heroux, A.'               4 0000-0001-5713-0525 
'Doukov, T.'               5 0000-0001-8625-2572 
'Kuvandjiev, N.'           6 0000-0002-3987-2506 
# 
_citation.abstract                  ? 
_citation.abstract_id_CAS           ? 
_citation.book_id_ISBN              ? 
_citation.book_publisher            ? 
_citation.book_publisher_city       ? 
_citation.book_title                ? 
_citation.coordinate_linkage        ? 
_citation.country                   CH 
_citation.database_id_Medline       ? 
_citation.details                   ? 
_citation.id                        primary 
_citation.journal_abbrev            Crystals 
_citation.journal_id_ASTM           ? 
_citation.journal_id_CSD            ? 
_citation.journal_id_ISSN           2073-4352 
_citation.journal_full              ? 
_citation.journal_issue             ? 
_citation.journal_volume            12 
_citation.language                  ? 
_citation.page_first                ? 
_citation.page_last                 ? 
_citation.title                     
;Structural Characterization of Alzheimer DNA Promoter Sequences from the Amyloid Precursor Gene in the Presence of Thioflavin T and Analogs
;
_citation.year                      2022 
_citation.database_id_CSD           ? 
_citation.pdbx_database_id_DOI      10.3390/cryst12121717 
_citation.pdbx_database_id_PubMed   ? 
_citation.pdbx_database_id_patent   ? 
_citation.unpublished_flag          ? 
# 
loop_
_citation_author.citation_id 
_citation_author.name 
_citation_author.ordinal 
_citation_author.identifier_ORCID 
primary 'Sbirkova-Dimitrova, H.' 1 ? 
primary 'Rusew, R.'              2 ? 
primary 'Kuvandjiev, N.'         3 ? 
primary 'Heroux, A.'             4 ? 
primary 'Doukov, T.'             5 ? 
primary 'Shivachev, B.L.'        6 ? 
# 
loop_
_entity.id 
_entity.type 
_entity.src_method 
_entity.pdbx_description 
_entity.formula_weight 
_entity.pdbx_number_of_molecules 
_entity.pdbx_ec 
_entity.pdbx_mutation 
_entity.pdbx_fragment 
_entity.details 
1 polymer man 
;DNA (5'-D(P*GP*CP*CP*CP*AP*CP*CP*AP*CP*GP*GP*C)-3')
;
3593.346 1 ? ? ? ? 
2 polymer man 
;DNA (5'-D(P*GP*CP*CP*GP*TP*GP*GP*TP*GP*GP*GP*C)-3')
;
3735.414 1 ? ? ? ? 
# 
loop_
_entity_poly.entity_id 
_entity_poly.type 
_entity_poly.nstd_linkage 
_entity_poly.nstd_monomer 
_entity_poly.pdbx_seq_one_letter_code 
_entity_poly.pdbx_seq_one_letter_code_can 
_entity_poly.pdbx_strand_id 
_entity_poly.pdbx_target_identifier 
1 polydeoxyribonucleotide no no '(DG)(DC)(DC)(DC)(DA)(DC)(DC)(DA)(DC)(DG)(DG)(DC)' GCCCACCACGGC AAA ? 
2 polydeoxyribonucleotide no no '(DG)(DC)(DC)(DG)(DT)(DG)(DG)(DT)(DG)(DG)(DG)(DC)' GCCGTGGTGGGC BBB ? 
# 
loop_
_entity_poly_seq.entity_id 
_entity_poly_seq.num 
_entity_poly_seq.mon_id 
_entity_poly_seq.hetero 
1 1  DG n 
1 2  DC n 
1 3  DC n 
1 4  DC n 
1 5  DA n 
1 6  DC n 
1 7  DC n 
1 8  DA n 
1 9  DC n 
1 10 DG n 
1 11 DG n 
1 12 DC n 
2 1  DG n 
2 2  DC n 
2 3  DC n 
2 4  DG n 
2 5  DT n 
2 6  DG n 
2 7  DG n 
2 8  DT n 
2 9  DG n 
2 10 DG n 
2 11 DG n 
2 12 DC n 
# 
loop_
_entity_src_gen.entity_id 
_entity_src_gen.pdbx_src_id 
_entity_src_gen.pdbx_alt_source_flag 
_entity_src_gen.pdbx_seq_type 
_entity_src_gen.pdbx_beg_seq_num 
_entity_src_gen.pdbx_end_seq_num 
_entity_src_gen.gene_src_common_name 
_entity_src_gen.gene_src_genus 
_entity_src_gen.pdbx_gene_src_gene 
_entity_src_gen.gene_src_species 
_entity_src_gen.gene_src_strain 
_entity_src_gen.gene_src_tissue 
_entity_src_gen.gene_src_tissue_fraction 
_entity_src_gen.gene_src_details 
_entity_src_gen.pdbx_gene_src_fragment 
_entity_src_gen.pdbx_gene_src_scientific_name 
_entity_src_gen.pdbx_gene_src_ncbi_taxonomy_id 
_entity_src_gen.pdbx_gene_src_variant 
_entity_src_gen.pdbx_gene_src_cell_line 
_entity_src_gen.pdbx_gene_src_atcc 
_entity_src_gen.pdbx_gene_src_organ 
_entity_src_gen.pdbx_gene_src_organelle 
_entity_src_gen.pdbx_gene_src_cell 
_entity_src_gen.pdbx_gene_src_cellular_location 
_entity_src_gen.host_org_common_name 
_entity_src_gen.pdbx_host_org_scientific_name 
_entity_src_gen.pdbx_host_org_ncbi_taxonomy_id 
_entity_src_gen.host_org_genus 
_entity_src_gen.pdbx_host_org_gene 
_entity_src_gen.pdbx_host_org_organ 
_entity_src_gen.host_org_species 
_entity_src_gen.pdbx_host_org_tissue 
_entity_src_gen.pdbx_host_org_tissue_fraction 
_entity_src_gen.pdbx_host_org_strain 
_entity_src_gen.pdbx_host_org_variant 
_entity_src_gen.pdbx_host_org_cell_line 
_entity_src_gen.pdbx_host_org_atcc 
_entity_src_gen.pdbx_host_org_culture_collection 
_entity_src_gen.pdbx_host_org_cell 
_entity_src_gen.pdbx_host_org_organelle 
_entity_src_gen.pdbx_host_org_cellular_location 
_entity_src_gen.pdbx_host_org_vector_type 
_entity_src_gen.pdbx_host_org_vector 
_entity_src_gen.host_org_details 
_entity_src_gen.expression_system_id 
_entity_src_gen.plasmid_name 
_entity_src_gen.plasmid_details 
_entity_src_gen.pdbx_description 
1 1 sample 'Biological sequence' 1 12 ? ? ? ? ? ? ? ? ? 'DNA molecule' 2853804 ? ? ? ? ? ? ? ? Synthesium 638370 ? ? ? ? ? ? ? ? ? 
? ? ? ? ? ? ? ? ? ? ? ? 
2 1 sample 'Biological sequence' 1 12 ? ? ? ? ? ? ? ? ? 'DNA molecule' 2853804 ? ? ? ? ? ? ? ? Synthesium 638370 ? ? ? ? ? ? ? ? ? 
? ? ? ? ? ? ? ? ? ? ? ? 
# 
loop_
_chem_comp.id 
_chem_comp.type 
_chem_comp.mon_nstd_flag 
_chem_comp.name 
_chem_comp.pdbx_synonyms 
_chem_comp.formula 
_chem_comp.formula_weight 
DA 'DNA linking' y "2'-DEOXYADENOSINE-5'-MONOPHOSPHATE" ? 'C10 H14 N5 O6 P' 331.222 
DC 'DNA linking' y "2'-DEOXYCYTIDINE-5'-MONOPHOSPHATE"  ? 'C9 H14 N3 O7 P'  307.197 
DG 'DNA linking' y "2'-DEOXYGUANOSINE-5'-MONOPHOSPHATE" ? 'C10 H14 N5 O7 P' 347.221 
DT 'DNA linking' y "THYMIDINE-5'-MONOPHOSPHATE"         ? 'C10 H15 N2 O8 P' 322.208 
# 
loop_
_pdbx_poly_seq_scheme.asym_id 
_pdbx_poly_seq_scheme.entity_id 
_pdbx_poly_seq_scheme.seq_id 
_pdbx_poly_seq_scheme.mon_id 
_pdbx_poly_seq_scheme.ndb_seq_num 
_pdbx_poly_seq_scheme.pdb_seq_num 
_pdbx_poly_seq_scheme.auth_seq_num 
_pdbx_poly_seq_scheme.pdb_mon_id 
_pdbx_poly_seq_scheme.auth_mon_id 
_pdbx_poly_seq_scheme.pdb_strand_id 
_pdbx_poly_seq_scheme.pdb_ins_code 
_pdbx_poly_seq_scheme.hetero 
A 1 1  DG 1  1  1  DG DG AAA . n 
A 1 2  DC 2  2  2  DC DC AAA . n 
A 1 3  DC 3  3  3  DC DC AAA . n 
A 1 4  DC 4  4  4  DC DC AAA . n 
A 1 5  DA 5  5  5  DA DA AAA . n 
A 1 6  DC 6  6  6  DC DC AAA . n 
A 1 7  DC 7  7  7  DC DC AAA . n 
A 1 8  DA 8  8  8  DA DA AAA . n 
A 1 9  DC 9  9  9  DC DC AAA . n 
A 1 10 DG 10 10 10 DG DG AAA . n 
A 1 11 DG 11 11 11 DG DG AAA . n 
A 1 12 DC 12 12 12 DC DC AAA . n 
B 2 1  DG 1  13 13 DG DG BBB . n 
B 2 2  DC 2  14 14 DC DC BBB . n 
B 2 3  DC 3  15 15 DC DC BBB . n 
B 2 4  DG 4  16 16 DG DG BBB . n 
B 2 5  DT 5  17 17 DT DT BBB . n 
B 2 6  DG 6  18 18 DG DG BBB . n 
B 2 7  DG 7  19 19 DG DG BBB . n 
B 2 8  DT 8  20 20 DT DT BBB . n 
B 2 9  DG 9  21 21 DG DG BBB . n 
B 2 10 DG 10 22 22 DG DG BBB . n 
B 2 11 DG 11 23 23 DG DG BBB . n 
B 2 12 DC 12 24 24 DC DC BBB . n 
# 
loop_
_software.citation_id 
_software.classification 
_software.compiler_name 
_software.compiler_version 
_software.contact_author 
_software.contact_author_email 
_software.date 
_software.description 
_software.dependencies 
_software.hardware 
_software.language 
_software.location 
_software.mods 
_software.name 
_software.os 
_software.os_version 
_software.type 
_software.version 
_software.pdbx_ordinal 
? refinement       ? ? ? ? ? ? ? ? ? ? ? REFMAC ? ? ? 5.8.0253 1 
? 'data reduction' ? ? ? ? ? ? ? ? ? ? ? XDS    ? ? ? .        2 
? 'data scaling'   ? ? ? ? ? ? ? ? ? ? ? XSCALE ? ? ? .        3 
? phasing          ? ? ? ? ? ? ? ? ? ? ? PHASER ? ? ? .        4 
# 
_cell.angle_alpha                  90.000 
_cell.angle_alpha_esd              ? 
_cell.angle_beta                   90.000 
_cell.angle_beta_esd               ? 
_cell.angle_gamma                  120.000 
_cell.angle_gamma_esd              ? 
_cell.entry_id                     8ASK 
_cell.details                      ? 
_cell.formula_units_Z              ? 
_cell.length_a                     64.490 
_cell.length_a_esd                 ? 
_cell.length_b                     64.490 
_cell.length_b_esd                 ? 
_cell.length_c                     46.190 
_cell.length_c_esd                 ? 
_cell.volume                       ? 
_cell.volume_esd                   ? 
_cell.Z_PDB                        9 
_cell.reciprocal_angle_alpha       ? 
_cell.reciprocal_angle_beta        ? 
_cell.reciprocal_angle_gamma       ? 
_cell.reciprocal_angle_alpha_esd   ? 
_cell.reciprocal_angle_beta_esd    ? 
_cell.reciprocal_angle_gamma_esd   ? 
_cell.reciprocal_length_a          ? 
_cell.reciprocal_length_b          ? 
_cell.reciprocal_length_c          ? 
_cell.reciprocal_length_a_esd      ? 
_cell.reciprocal_length_b_esd      ? 
_cell.reciprocal_length_c_esd      ? 
_cell.pdbx_unique_axis             ? 
_cell.pdbx_esd_method              ? 
# 
_symmetry.entry_id                         8ASK 
_symmetry.cell_setting                     ? 
_symmetry.Int_Tables_number                146 
_symmetry.space_group_name_Hall            ? 
_symmetry.space_group_name_H-M             'H 3' 
_symmetry.pdbx_full_space_group_name_H-M   ? 
# 
_exptl.absorpt_coefficient_mu     ? 
_exptl.absorpt_correction_T_max   ? 
_exptl.absorpt_correction_T_min   ? 
_exptl.absorpt_correction_type    ? 
_exptl.absorpt_process_details    ? 
_exptl.entry_id                   8ASK 
_exptl.crystals_number            1 
_exptl.details                    ? 
_exptl.method                     'X-RAY DIFFRACTION' 
_exptl.method_details             ? 
# 
_exptl_crystal.colour                       ? 
_exptl_crystal.density_diffrn               ? 
_exptl_crystal.density_Matthews             2.52 
_exptl_crystal.density_method               ? 
_exptl_crystal.density_percent_sol          51.23 
_exptl_crystal.description                  ? 
_exptl_crystal.F_000                        ? 
_exptl_crystal.id                           1 
_exptl_crystal.preparation                  ? 
_exptl_crystal.size_max                     ? 
_exptl_crystal.size_mid                     ? 
_exptl_crystal.size_min                     ? 
_exptl_crystal.size_rad                     ? 
_exptl_crystal.colour_lustre                ? 
_exptl_crystal.colour_modifier              ? 
_exptl_crystal.colour_primary               ? 
_exptl_crystal.density_meas                 ? 
_exptl_crystal.density_meas_esd             ? 
_exptl_crystal.density_meas_gt              ? 
_exptl_crystal.density_meas_lt              ? 
_exptl_crystal.density_meas_temp            ? 
_exptl_crystal.density_meas_temp_esd        ? 
_exptl_crystal.density_meas_temp_gt         ? 
_exptl_crystal.density_meas_temp_lt         ? 
_exptl_crystal.pdbx_crystal_image_url       ? 
_exptl_crystal.pdbx_crystal_image_format    ? 
_exptl_crystal.pdbx_mosaicity               ? 
_exptl_crystal.pdbx_mosaicity_esd           ? 
_exptl_crystal.pdbx_mosaic_method           ? 
_exptl_crystal.pdbx_mosaic_block_size       ? 
_exptl_crystal.pdbx_mosaic_block_size_esd   ? 
# 
_exptl_crystal_grow.apparatus       ? 
_exptl_crystal_grow.atmosphere      ? 
_exptl_crystal_grow.crystal_id      1 
_exptl_crystal_grow.details         ? 
_exptl_crystal_grow.method          'VAPOR DIFFUSION, HANGING DROP' 
_exptl_crystal_grow.method_ref      ? 
_exptl_crystal_grow.pH              ? 
_exptl_crystal_grow.pressure        ? 
_exptl_crystal_grow.pressure_esd    ? 
_exptl_crystal_grow.seeding         ? 
_exptl_crystal_grow.seeding_ref     ? 
_exptl_crystal_grow.temp            294 
_exptl_crystal_grow.temp_details    ? 
_exptl_crystal_grow.temp_esd        ? 
_exptl_crystal_grow.time            ? 
_exptl_crystal_grow.pdbx_details    '20%MPD, 120mMMgCl2, 60mM NaCaCo, 2mM Spermine' 
_exptl_crystal_grow.pdbx_pH_range   ? 
# 
_diffrn.ambient_environment              ? 
_diffrn.ambient_temp                     270 
_diffrn.ambient_temp_details             ? 
_diffrn.ambient_temp_esd                 ? 
_diffrn.crystal_id                       1 
_diffrn.crystal_support                  ? 
_diffrn.crystal_treatment                ? 
_diffrn.details                          ? 
_diffrn.id                               1 
_diffrn.ambient_pressure                 ? 
_diffrn.ambient_pressure_esd             ? 
_diffrn.ambient_pressure_gt              ? 
_diffrn.ambient_pressure_lt              ? 
_diffrn.ambient_temp_gt                  ? 
_diffrn.ambient_temp_lt                  ? 
_diffrn.pdbx_serial_crystal_experiment   N 
# 
_diffrn_detector.details                      ? 
_diffrn_detector.detector                     PIXEL 
_diffrn_detector.diffrn_id                    1 
_diffrn_detector.type                         'DECTRIS PILATUS 2M' 
_diffrn_detector.area_resol_mean              ? 
_diffrn_detector.dtime                        ? 
_diffrn_detector.pdbx_frames_total            ? 
_diffrn_detector.pdbx_collection_time_total   ? 
_diffrn_detector.pdbx_collection_date         2022-08-03 
_diffrn_detector.pdbx_frequency               ? 
# 
_diffrn_radiation.collimation                      ? 
_diffrn_radiation.diffrn_id                        1 
_diffrn_radiation.filter_edge                      ? 
_diffrn_radiation.inhomogeneity                    ? 
_diffrn_radiation.monochromator                    ? 
_diffrn_radiation.polarisn_norm                    ? 
_diffrn_radiation.polarisn_ratio                   ? 
_diffrn_radiation.probe                            ? 
_diffrn_radiation.type                             ? 
_diffrn_radiation.xray_symbol                      ? 
_diffrn_radiation.wavelength_id                    1 
_diffrn_radiation.pdbx_monochromatic_or_laue_m_l   M 
_diffrn_radiation.pdbx_wavelength_list             ? 
_diffrn_radiation.pdbx_wavelength                  ? 
_diffrn_radiation.pdbx_diffrn_protocol             'SINGLE WAVELENGTH' 
_diffrn_radiation.pdbx_analyzer                    ? 
_diffrn_radiation.pdbx_scattering_type             x-ray 
# 
_diffrn_radiation_wavelength.id           1 
_diffrn_radiation_wavelength.wavelength   2.00 
_diffrn_radiation_wavelength.wt           1.0 
# 
_diffrn_source.current                     ? 
_diffrn_source.details                     ? 
_diffrn_source.diffrn_id                   1 
_diffrn_source.power                       ? 
_diffrn_source.size                        ? 
_diffrn_source.source                      SYNCHROTRON 
_diffrn_source.target                      ? 
_diffrn_source.type                        'ELETTRA BEAMLINE 5.2R' 
_diffrn_source.voltage                     ? 
_diffrn_source.take-off_angle              ? 
_diffrn_source.pdbx_wavelength_list        2.00 
_diffrn_source.pdbx_wavelength             ? 
_diffrn_source.pdbx_synchrotron_beamline   5.2R 
_diffrn_source.pdbx_synchrotron_site       ELETTRA 
# 
_reflns.B_iso_Wilson_estimate                          ? 
_reflns.entry_id                                       8ASK 
_reflns.data_reduction_details                         ? 
_reflns.data_reduction_method                          ? 
_reflns.d_resolution_high                              2.95 
_reflns.d_resolution_low                               35.59 
_reflns.details                                        ? 
_reflns.limit_h_max                                    ? 
_reflns.limit_h_min                                    ? 
_reflns.limit_k_max                                    ? 
_reflns.limit_k_min                                    ? 
_reflns.limit_l_max                                    ? 
_reflns.limit_l_min                                    ? 
_reflns.number_all                                     ? 
_reflns.number_obs                                     2783 
_reflns.observed_criterion                             ? 
_reflns.observed_criterion_F_max                       ? 
_reflns.observed_criterion_F_min                       ? 
_reflns.observed_criterion_I_max                       ? 
_reflns.observed_criterion_I_min                       ? 
_reflns.observed_criterion_sigma_F                     ? 
_reflns.observed_criterion_sigma_I                     ? 
_reflns.percent_possible_obs                           96.95 
_reflns.R_free_details                                 ? 
_reflns.Rmerge_F_all                                   ? 
_reflns.Rmerge_F_obs                                   ? 
_reflns.Friedel_coverage                               ? 
_reflns.number_gt                                      ? 
_reflns.threshold_expression                           ? 
_reflns.pdbx_redundancy                                9.2 
_reflns.pdbx_Rmerge_I_obs                              ? 
_reflns.pdbx_Rmerge_I_all                              ? 
_reflns.pdbx_Rsym_value                                ? 
_reflns.pdbx_netI_over_av_sigmaI                       ? 
_reflns.pdbx_netI_over_sigmaI                          2.00 
_reflns.pdbx_res_netI_over_av_sigmaI_2                 ? 
_reflns.pdbx_res_netI_over_sigmaI_2                    ? 
_reflns.pdbx_chi_squared                               ? 
_reflns.pdbx_scaling_rejects                           ? 
_reflns.pdbx_d_res_high_opt                            ? 
_reflns.pdbx_d_res_low_opt                             ? 
_reflns.pdbx_d_res_opt_method                          ? 
_reflns.phase_calculation_details                      ? 
_reflns.pdbx_Rrim_I_all                                ? 
_reflns.pdbx_Rpim_I_all                                ? 
_reflns.pdbx_d_opt                                     ? 
_reflns.pdbx_number_measured_all                       ? 
_reflns.pdbx_diffrn_id                                 1 
_reflns.pdbx_ordinal                                   1 
_reflns.pdbx_CC_half                                   0.992 
_reflns.pdbx_CC_star                                   ? 
_reflns.pdbx_R_split                                   ? 
_reflns.pdbx_aniso_diffraction_limit_axis_1_ortho[1]   ? 
_reflns.pdbx_aniso_diffraction_limit_axis_1_ortho[2]   ? 
_reflns.pdbx_aniso_diffraction_limit_axis_1_ortho[3]   ? 
_reflns.pdbx_aniso_diffraction_limit_axis_2_ortho[1]   ? 
_reflns.pdbx_aniso_diffraction_limit_axis_2_ortho[2]   ? 
_reflns.pdbx_aniso_diffraction_limit_axis_2_ortho[3]   ? 
_reflns.pdbx_aniso_diffraction_limit_axis_3_ortho[1]   ? 
_reflns.pdbx_aniso_diffraction_limit_axis_3_ortho[2]   ? 
_reflns.pdbx_aniso_diffraction_limit_axis_3_ortho[3]   ? 
_reflns.pdbx_aniso_diffraction_limit_1                 ? 
_reflns.pdbx_aniso_diffraction_limit_2                 ? 
_reflns.pdbx_aniso_diffraction_limit_3                 ? 
_reflns.pdbx_aniso_B_tensor_eigenvector_1_ortho[1]     ? 
_reflns.pdbx_aniso_B_tensor_eigenvector_1_ortho[2]     ? 
_reflns.pdbx_aniso_B_tensor_eigenvector_1_ortho[3]     ? 
_reflns.pdbx_aniso_B_tensor_eigenvector_2_ortho[1]     ? 
_reflns.pdbx_aniso_B_tensor_eigenvector_2_ortho[2]     ? 
_reflns.pdbx_aniso_B_tensor_eigenvector_2_ortho[3]     ? 
_reflns.pdbx_aniso_B_tensor_eigenvector_3_ortho[1]     ? 
_reflns.pdbx_aniso_B_tensor_eigenvector_3_ortho[2]     ? 
_reflns.pdbx_aniso_B_tensor_eigenvector_3_ortho[3]     ? 
_reflns.pdbx_aniso_B_tensor_eigenvalue_1               ? 
_reflns.pdbx_aniso_B_tensor_eigenvalue_2               ? 
_reflns.pdbx_aniso_B_tensor_eigenvalue_3               ? 
_reflns.pdbx_orthogonalization_convention              ? 
_reflns.pdbx_percent_possible_ellipsoidal              ? 
_reflns.pdbx_percent_possible_spherical                ? 
_reflns.pdbx_percent_possible_ellipsoidal_anomalous    ? 
_reflns.pdbx_percent_possible_spherical_anomalous      ? 
_reflns.pdbx_redundancy_anomalous                      ? 
_reflns.pdbx_CC_half_anomalous                         ? 
_reflns.pdbx_absDiff_over_sigma_anomalous              ? 
_reflns.pdbx_percent_possible_anomalous                ? 
_reflns.pdbx_observed_signal_threshold                 ? 
_reflns.pdbx_signal_type                               ? 
_reflns.pdbx_signal_details                            ? 
_reflns.pdbx_signal_software_id                        ? 
_reflns.pdbx_CC_split_method                           ? 
# 
_reflns_shell.d_res_high                                    2.97 
_reflns_shell.d_res_low                                     3.02 
_reflns_shell.meanI_over_sigI_all                           ? 
_reflns_shell.meanI_over_sigI_obs                           ? 
_reflns_shell.number_measured_all                           ? 
_reflns_shell.number_measured_obs                           ? 
_reflns_shell.number_possible                               ? 
_reflns_shell.number_unique_all                             ? 
_reflns_shell.number_unique_obs                             1399 
_reflns_shell.percent_possible_all                          ? 
_reflns_shell.percent_possible_obs                          ? 
_reflns_shell.Rmerge_F_all                                  ? 
_reflns_shell.Rmerge_F_obs                                  ? 
_reflns_shell.Rmerge_I_all                                  ? 
_reflns_shell.Rmerge_I_obs                                  ? 
_reflns_shell.meanI_over_sigI_gt                            ? 
_reflns_shell.meanI_over_uI_all                             ? 
_reflns_shell.meanI_over_uI_gt                              ? 
_reflns_shell.number_measured_gt                            ? 
_reflns_shell.number_unique_gt                              ? 
_reflns_shell.percent_possible_gt                           ? 
_reflns_shell.Rmerge_F_gt                                   ? 
_reflns_shell.Rmerge_I_gt                                   ? 
_reflns_shell.pdbx_redundancy                               ? 
_reflns_shell.pdbx_Rsym_value                               ? 
_reflns_shell.pdbx_chi_squared                              ? 
_reflns_shell.pdbx_netI_over_sigmaI_all                     ? 
_reflns_shell.pdbx_netI_over_sigmaI_obs                     ? 
_reflns_shell.pdbx_Rrim_I_all                               ? 
_reflns_shell.pdbx_Rpim_I_all                               ? 
_reflns_shell.pdbx_rejects                                  ? 
_reflns_shell.pdbx_ordinal                                  1 
_reflns_shell.pdbx_diffrn_id                                1 
_reflns_shell.pdbx_CC_half                                  0.3 
_reflns_shell.pdbx_CC_star                                  ? 
_reflns_shell.pdbx_R_split                                  ? 
_reflns_shell.pdbx_percent_possible_ellipsoidal             ? 
_reflns_shell.pdbx_percent_possible_spherical               ? 
_reflns_shell.pdbx_percent_possible_ellipsoidal_anomalous   ? 
_reflns_shell.pdbx_percent_possible_spherical_anomalous     ? 
_reflns_shell.pdbx_redundancy_anomalous                     ? 
_reflns_shell.pdbx_CC_half_anomalous                        ? 
_reflns_shell.pdbx_absDiff_over_sigma_anomalous             ? 
_reflns_shell.pdbx_percent_possible_anomalous               ? 
# 
_refine.aniso_B[1][1]                            -0.113 
_refine.aniso_B[1][2]                            -0.057 
_refine.aniso_B[1][3]                            0.000 
_refine.aniso_B[2][2]                            -0.113 
_refine.aniso_B[2][3]                            0.000 
_refine.aniso_B[3][3]                            0.368 
_refine.B_iso_max                                ? 
_refine.B_iso_mean                               88.593 
_refine.B_iso_min                                ? 
_refine.correlation_coeff_Fo_to_Fc               0.987 
_refine.correlation_coeff_Fo_to_Fc_free          0.891 
_refine.details                                  'Hydrogens have been added in their riding positions' 
_refine.diff_density_max                         ? 
_refine.diff_density_max_esd                     ? 
_refine.diff_density_min                         ? 
_refine.diff_density_min_esd                     ? 
_refine.diff_density_rms                         ? 
_refine.diff_density_rms_esd                     ? 
_refine.entry_id                                 8ASK 
_refine.pdbx_refine_id                           'X-RAY DIFFRACTION' 
_refine.ls_abs_structure_details                 ? 
_refine.ls_abs_structure_Flack                   ? 
_refine.ls_abs_structure_Flack_esd               ? 
_refine.ls_abs_structure_Rogers                  ? 
_refine.ls_abs_structure_Rogers_esd              ? 
_refine.ls_d_res_high                            2.955 
_refine.ls_d_res_low                             35.59 
_refine.ls_extinction_coef                       ? 
_refine.ls_extinction_coef_esd                   ? 
_refine.ls_extinction_expression                 ? 
_refine.ls_extinction_method                     ? 
_refine.ls_goodness_of_fit_all                   ? 
_refine.ls_goodness_of_fit_all_esd               ? 
_refine.ls_goodness_of_fit_obs                   ? 
_refine.ls_goodness_of_fit_obs_esd               ? 
_refine.ls_hydrogen_treatment                    ? 
_refine.ls_matrix_type                           ? 
_refine.ls_number_constraints                    ? 
_refine.ls_number_parameters                     ? 
_refine.ls_number_reflns_all                     ? 
_refine.ls_number_reflns_obs                     1461 
_refine.ls_number_reflns_R_free                  62 
_refine.ls_number_reflns_R_work                  1399 
_refine.ls_number_restraints                     ? 
_refine.ls_percent_reflns_obs                    96.948 
_refine.ls_percent_reflns_R_free                 4.244 
_refine.ls_R_factor_all                          0.129 
_refine.ls_R_factor_obs                          ? 
_refine.ls_R_factor_R_free                       0.2298 
_refine.ls_R_factor_R_free_error                 ? 
_refine.ls_R_factor_R_free_error_details         ? 
_refine.ls_R_factor_R_work                       0.1250 
_refine.ls_R_Fsqd_factor_obs                     ? 
_refine.ls_R_I_factor_obs                        ? 
_refine.ls_redundancy_reflns_all                 ? 
_refine.ls_redundancy_reflns_obs                 ? 
_refine.ls_restrained_S_all                      ? 
_refine.ls_restrained_S_obs                      ? 
_refine.ls_shift_over_esd_max                    ? 
_refine.ls_shift_over_esd_mean                   ? 
_refine.ls_structure_factor_coef                 ? 
_refine.ls_weighting_details                     ? 
_refine.ls_weighting_scheme                      ? 
_refine.ls_wR_factor_all                         ? 
_refine.ls_wR_factor_obs                         ? 
_refine.ls_wR_factor_R_free                      ? 
_refine.ls_wR_factor_R_work                      ? 
_refine.occupancy_max                            ? 
_refine.occupancy_min                            ? 
_refine.solvent_model_details                    'MASK BULK SOLVENT' 
_refine.solvent_model_param_bsol                 ? 
_refine.solvent_model_param_ksol                 ? 
_refine.pdbx_R_complete                          ? 
_refine.ls_R_factor_gt                           ? 
_refine.ls_goodness_of_fit_gt                    ? 
_refine.ls_goodness_of_fit_ref                   ? 
_refine.ls_shift_over_su_max                     ? 
_refine.ls_shift_over_su_max_lt                  ? 
_refine.ls_shift_over_su_mean                    ? 
_refine.ls_shift_over_su_mean_lt                 ? 
_refine.pdbx_ls_sigma_I                          ? 
_refine.pdbx_ls_sigma_F                          ? 
_refine.pdbx_ls_sigma_Fsqd                       ? 
_refine.pdbx_data_cutoff_high_absF               ? 
_refine.pdbx_data_cutoff_high_rms_absF           ? 
_refine.pdbx_data_cutoff_low_absF                ? 
_refine.pdbx_isotropic_thermal_model             ? 
_refine.pdbx_ls_cross_valid_method               NONE 
_refine.pdbx_method_to_determine_struct          'MOLECULAR REPLACEMENT' 
_refine.pdbx_starting_model                      X3DNA 
_refine.pdbx_stereochemistry_target_values       ? 
_refine.pdbx_R_Free_selection_details            ? 
_refine.pdbx_stereochem_target_val_spec_case     ? 
_refine.pdbx_overall_ESU_R                       ? 
_refine.pdbx_overall_ESU_R_Free                  0.413 
_refine.pdbx_solvent_vdw_probe_radii             1.200 
_refine.pdbx_solvent_ion_probe_radii             0.800 
_refine.pdbx_solvent_shrinkage_radii             0.800 
_refine.pdbx_real_space_R                        ? 
_refine.pdbx_density_correlation                 ? 
_refine.pdbx_pd_number_of_powder_patterns        ? 
_refine.pdbx_pd_number_of_points                 ? 
_refine.pdbx_pd_meas_number_of_points            ? 
_refine.pdbx_pd_proc_ls_prof_R_factor            ? 
_refine.pdbx_pd_proc_ls_prof_wR_factor           ? 
_refine.pdbx_pd_Marquardt_correlation_coeff      ? 
_refine.pdbx_pd_Fsqrd_R_factor                   ? 
_refine.pdbx_pd_ls_matrix_band_width             ? 
_refine.pdbx_overall_phase_error                 ? 
_refine.pdbx_overall_SU_R_free_Cruickshank_DPI   ? 
_refine.pdbx_overall_SU_R_free_Blow_DPI          ? 
_refine.pdbx_overall_SU_R_Blow_DPI               ? 
_refine.pdbx_TLS_residual_ADP_flag               ? 
_refine.pdbx_diffrn_id                           1 
_refine.overall_SU_B                             27.017 
_refine.overall_SU_ML                            0.398 
_refine.overall_SU_R_Cruickshank_DPI             ? 
_refine.overall_SU_R_free                        ? 
_refine.overall_FOM_free_R_set                   ? 
_refine.overall_FOM_work_R_set                   ? 
_refine.pdbx_average_fsc_overall                 ? 
_refine.pdbx_average_fsc_work                    ? 
_refine.pdbx_average_fsc_free                    ? 
# 
_refine_hist.pdbx_refine_id                   'X-RAY DIFFRACTION' 
_refine_hist.cycle_id                         LAST 
_refine_hist.pdbx_number_atoms_protein        0 
_refine_hist.pdbx_number_atoms_nucleic_acid   492 
_refine_hist.pdbx_number_atoms_ligand         0 
_refine_hist.number_atoms_solvent             0 
_refine_hist.number_atoms_total               492 
_refine_hist.d_res_high                       2.955 
_refine_hist.d_res_low                        35.59 
# 
loop_
_refine_ls_restr.pdbx_refine_id 
_refine_ls_restr.criterion 
_refine_ls_restr.dev_ideal 
_refine_ls_restr.dev_ideal_target 
_refine_ls_restr.number 
_refine_ls_restr.rejects 
_refine_ls_restr.type 
_refine_ls_restr.weight 
_refine_ls_restr.pdbx_restraint_function 
'X-RAY DIFFRACTION' ? 0.006 0.011  550 ? r_bond_refined_d             ? ? 
'X-RAY DIFFRACTION' ? 0.003 0.020  266 ? r_bond_other_d               ? ? 
'X-RAY DIFFRACTION' ? 1.196 1.168  844 ? r_angle_refined_deg          ? ? 
'X-RAY DIFFRACTION' ? 1.751 3.000  630 ? r_angle_other_deg            ? ? 
'X-RAY DIFFRACTION' ? 0.069 0.200  72  ? r_chiral_restr               ? ? 
'X-RAY DIFFRACTION' ? 0.006 0.020  296 ? r_gen_planes_refined         ? ? 
'X-RAY DIFFRACTION' ? 0.001 0.020  136 ? r_gen_planes_other           ? ? 
'X-RAY DIFFRACTION' ? 0.130 0.200  40  ? r_nbd_refined                ? ? 
'X-RAY DIFFRACTION' ? 0.265 0.200  300 ? r_symmetry_nbd_other         ? ? 
'X-RAY DIFFRACTION' ? 0.256 0.200  203 ? r_nbtor_refined              ? ? 
'X-RAY DIFFRACTION' ? 0.070 0.200  159 ? r_symmetry_nbtor_other       ? ? 
'X-RAY DIFFRACTION' ? 0.122 0.200  8   ? r_xyhbond_nbd_refined        ? ? 
'X-RAY DIFFRACTION' ? 0.116 0.200  1   ? r_symmetry_xyhbond_nbd_other ? ? 
'X-RAY DIFFRACTION' ? 0.343 0.200  28  ? r_symmetry_nbd_refined       ? ? 
'X-RAY DIFFRACTION' ? 0.301 0.200  15  ? r_nbd_other                  ? ? 
'X-RAY DIFFRACTION' ? 4.636 9.158  550 ? r_scbond_it                  ? ? 
'X-RAY DIFFRACTION' ? 4.607 9.157  549 ? r_scbond_other               ? ? 
'X-RAY DIFFRACTION' ? 6.768 13.685 844 ? r_scangle_it                 ? ? 
'X-RAY DIFFRACTION' ? 6.756 13.685 844 ? r_scangle_other              ? ? 
'X-RAY DIFFRACTION' ? 8.351 83.518 738 ? r_lrange_it                  ? ? 
'X-RAY DIFFRACTION' ? 8.351 83.506 739 ? r_lrange_other               ? ? 
# 
loop_
_refine_ls_shell.pdbx_refine_id 
_refine_ls_shell.d_res_high 
_refine_ls_shell.d_res_low 
_refine_ls_shell.number_reflns_all 
_refine_ls_shell.number_reflns_obs 
_refine_ls_shell.number_reflns_R_free 
_refine_ls_shell.number_reflns_R_work 
_refine_ls_shell.percent_reflns_obs 
_refine_ls_shell.percent_reflns_R_free 
_refine_ls_shell.R_factor_all 
_refine_ls_shell.R_factor_obs 
_refine_ls_shell.R_factor_R_free 
_refine_ls_shell.R_factor_R_free_error 
_refine_ls_shell.R_factor_R_work 
_refine_ls_shell.redundancy_reflns_all 
_refine_ls_shell.redundancy_reflns_obs 
_refine_ls_shell.wR_factor_all 
_refine_ls_shell.wR_factor_obs 
_refine_ls_shell.wR_factor_R_free 
_refine_ls_shell.wR_factor_R_work 
_refine_ls_shell.pdbx_R_complete 
_refine_ls_shell.pdbx_total_number_of_bins_used 
_refine_ls_shell.pdbx_phase_error 
_refine_ls_shell.pdbx_fsc_work 
_refine_ls_shell.pdbx_fsc_free 
'X-RAY DIFFRACTION' 2.955  3.031  . . 4  112 99.1453  . . . 0.264 . 0.285 . . . . . . . . . . . 
'X-RAY DIFFRACTION' 3.031  3.114  . . 0  107 100.0000 . . . .     . 0.225 . . . . . . . . . . . 
'X-RAY DIFFRACTION' 3.114  3.203  . . 4  99  99.0385  . . . 0.149 . 0.197 . . . . . . . . . . . 
'X-RAY DIFFRACTION' 3.203  3.301  . . 2  70  73.4694  . . . 0.063 . 0.250 . . . . . . . . . . . 
'X-RAY DIFFRACTION' 3.301  3.408  . . 5  79  84.8485  . . . 0.417 . 0.211 . . . . . . . . . . . 
'X-RAY DIFFRACTION' 3.408  3.527  . . 6  81  97.7528  . . . 0.191 . 0.186 . . . . . . . . . . . 
'X-RAY DIFFRACTION' 3.527  3.658  . . 10 89  100.0000 . . . 0.124 . 0.166 . . . . . . . . . . . 
'X-RAY DIFFRACTION' 3.658  3.806  . . 2  85  98.8636  . . . 0.063 . 0.128 . . . . . . . . . . . 
'X-RAY DIFFRACTION' 3.806  3.973  . . 3  87  100.0000 . . . 0.141 . 0.129 . . . . . . . . . . . 
'X-RAY DIFFRACTION' 3.973  4.165  . . 7  75  100.0000 . . . 0.141 . 0.113 . . . . . . . . . . . 
'X-RAY DIFFRACTION' 4.165  4.387  . . 5  71  100.0000 . . . 0.233 . 0.094 . . . . . . . . . . . 
'X-RAY DIFFRACTION' 4.387  4.648  . . 3  71  100.0000 . . . 0.171 . 0.093 . . . . . . . . . . . 
'X-RAY DIFFRACTION' 4.648  4.963  . . 2  67  100.0000 . . . 0.245 . 0.109 . . . . . . . . . . . 
'X-RAY DIFFRACTION' 4.963  5.352  . . 1  61  100.0000 . . . 0.672 . 0.135 . . . . . . . . . . . 
'X-RAY DIFFRACTION' 5.352  5.850  . . 2  59  100.0000 . . . 0.244 . 0.203 . . . . . . . . . . . 
'X-RAY DIFFRACTION' 5.850  6.518  . . 2  52  100.0000 . . . 0.131 . 0.122 . . . . . . . . . . . 
'X-RAY DIFFRACTION' 6.518  7.485  . . 2  37  100.0000 . . . 0.464 . 0.127 . . . . . . . . . . . 
'X-RAY DIFFRACTION' 7.485  9.067  . . 2  44  100.0000 . . . 0.331 . 0.068 . . . . . . . . . . . 
'X-RAY DIFFRACTION' 9.067  12.426 . . 0  34  100.0000 . . . .     . 0.057 . . . . . . . . . . . 
'X-RAY DIFFRACTION' 12.426 35.59  . . 0  19  100.0000 . . . .     . 0.137 . . . . . . . . . . . 
# 
_struct.entry_id                     8ASK 
_struct.title                        'Crystal structure of d(GCCCACCACGGC)' 
_struct.pdbx_model_details           ? 
_struct.pdbx_formula_weight          ? 
_struct.pdbx_formula_weight_method   ? 
_struct.pdbx_model_type_details      ? 
_struct.pdbx_CASP_flag               N 
# 
_struct_keywords.entry_id        8ASK 
_struct_keywords.text            'Ligand, Interaction, DNA' 
_struct_keywords.pdbx_keywords   DNA 
# 
loop_
_struct_asym.id 
_struct_asym.pdbx_blank_PDB_chainid_flag 
_struct_asym.pdbx_modified 
_struct_asym.entity_id 
_struct_asym.details 
A N N 1 ? 
B N N 2 ? 
# 
loop_
_struct_ref.id 
_struct_ref.db_name 
_struct_ref.db_code 
_struct_ref.pdbx_db_accession 
_struct_ref.pdbx_db_isoform 
_struct_ref.entity_id 
_struct_ref.pdbx_seq_one_letter_code 
_struct_ref.pdbx_align_begin 
1 PDB 8ASK 8ASK ? 1 ? 1 
2 PDB 8ASK 8ASK ? 2 ? 1 
# 
loop_
_struct_ref_seq.align_id 
_struct_ref_seq.ref_id 
_struct_ref_seq.pdbx_PDB_id_code 
_struct_ref_seq.pdbx_strand_id 
_struct_ref_seq.seq_align_beg 
_struct_ref_seq.pdbx_seq_align_beg_ins_code 
_struct_ref_seq.seq_align_end 
_struct_ref_seq.pdbx_seq_align_end_ins_code 
_struct_ref_seq.pdbx_db_accession 
_struct_ref_seq.db_align_beg 
_struct_ref_seq.pdbx_db_align_beg_ins_code 
_struct_ref_seq.db_align_end 
_struct_ref_seq.pdbx_db_align_end_ins_code 
_struct_ref_seq.pdbx_auth_seq_align_beg 
_struct_ref_seq.pdbx_auth_seq_align_end 
1 1 8ASK AAA 1 ? 12 ? 8ASK 1  ? 12 ? 1  12 
2 2 8ASK BBB 1 ? 12 ? 8ASK 13 ? 24 ? 13 24 
# 
_pdbx_struct_assembly.id                   1 
_pdbx_struct_assembly.details              author_defined_assembly 
_pdbx_struct_assembly.method_details       ? 
_pdbx_struct_assembly.oligomeric_details   dimeric 
_pdbx_struct_assembly.oligomeric_count     2 
# 
loop_
_pdbx_struct_assembly_prop.biol_id 
_pdbx_struct_assembly_prop.type 
_pdbx_struct_assembly_prop.value 
_pdbx_struct_assembly_prop.details 
1 'ABSA (A^2)' 1150 ? 
1 MORE         -9   ? 
1 'SSA (A^2)'  4620 ? 
# 
_pdbx_struct_assembly_gen.assembly_id       1 
_pdbx_struct_assembly_gen.oper_expression   1 
_pdbx_struct_assembly_gen.asym_id_list      A,B 
# 
_pdbx_struct_assembly_auth_evidence.id                     1 
_pdbx_struct_assembly_auth_evidence.assembly_id            1 
_pdbx_struct_assembly_auth_evidence.experimental_support   none 
_pdbx_struct_assembly_auth_evidence.details                ? 
# 
_pdbx_struct_oper_list.id                   1 
_pdbx_struct_oper_list.type                 'identity operation' 
_pdbx_struct_oper_list.name                 1_555 
_pdbx_struct_oper_list.symmetry_operation   x,y,z 
_pdbx_struct_oper_list.matrix[1][1]         1.0000000000 
_pdbx_struct_oper_list.matrix[1][2]         0.0000000000 
_pdbx_struct_oper_list.matrix[1][3]         0.0000000000 
_pdbx_struct_oper_list.vector[1]            0.0000000000 
_pdbx_struct_oper_list.matrix[2][1]         0.0000000000 
_pdbx_struct_oper_list.matrix[2][2]         1.0000000000 
_pdbx_struct_oper_list.matrix[2][3]         0.0000000000 
_pdbx_struct_oper_list.vector[2]            0.0000000000 
_pdbx_struct_oper_list.matrix[3][1]         0.0000000000 
_pdbx_struct_oper_list.matrix[3][2]         0.0000000000 
_pdbx_struct_oper_list.matrix[3][3]         1.0000000000 
_pdbx_struct_oper_list.vector[3]            0.0000000000 
# 
loop_
_struct_conn.id 
_struct_conn.conn_type_id 
_struct_conn.pdbx_leaving_atom_flag 
_struct_conn.pdbx_PDB_id 
_struct_conn.ptnr1_label_asym_id 
_struct_conn.ptnr1_label_comp_id 
_struct_conn.ptnr1_label_seq_id 
_struct_conn.ptnr1_label_atom_id 
_struct_conn.pdbx_ptnr1_label_alt_id 
_struct_conn.pdbx_ptnr1_PDB_ins_code 
_struct_conn.pdbx_ptnr1_standard_comp_id 
_struct_conn.ptnr1_symmetry 
_struct_conn.ptnr2_label_asym_id 
_struct_conn.ptnr2_label_comp_id 
_struct_conn.ptnr2_label_seq_id 
_struct_conn.ptnr2_label_atom_id 
_struct_conn.pdbx_ptnr2_label_alt_id 
_struct_conn.pdbx_ptnr2_PDB_ins_code 
_struct_conn.ptnr1_auth_asym_id 
_struct_conn.ptnr1_auth_comp_id 
_struct_conn.ptnr1_auth_seq_id 
_struct_conn.ptnr2_auth_asym_id 
_struct_conn.ptnr2_auth_comp_id 
_struct_conn.ptnr2_auth_seq_id 
_struct_conn.ptnr2_symmetry 
_struct_conn.pdbx_ptnr3_label_atom_id 
_struct_conn.pdbx_ptnr3_label_seq_id 
_struct_conn.pdbx_ptnr3_label_comp_id 
_struct_conn.pdbx_ptnr3_label_asym_id 
_struct_conn.pdbx_ptnr3_label_alt_id 
_struct_conn.pdbx_ptnr3_PDB_ins_code 
_struct_conn.details 
_struct_conn.pdbx_dist_value 
_struct_conn.pdbx_value_order 
_struct_conn.pdbx_role 
hydrog1  hydrog ? ? A DG 1  N1 ? ? ? 1_555 B DC 12 N3 ? ? AAA DG 1  BBB DC 24 1_555 ? ? ? ? ? ? WATSON-CRICK ? ? ? 
hydrog2  hydrog ? ? A DG 1  N2 ? ? ? 1_555 B DC 12 O2 ? ? AAA DG 1  BBB DC 24 1_555 ? ? ? ? ? ? WATSON-CRICK ? ? ? 
hydrog3  hydrog ? ? A DG 1  O6 ? ? ? 1_555 B DC 12 N4 ? ? AAA DG 1  BBB DC 24 1_555 ? ? ? ? ? ? WATSON-CRICK ? ? ? 
hydrog4  hydrog ? ? A DC 2  N3 ? ? ? 1_555 B DG 11 N1 ? ? AAA DC 2  BBB DG 23 1_555 ? ? ? ? ? ? WATSON-CRICK ? ? ? 
hydrog5  hydrog ? ? A DC 2  N4 ? ? ? 1_555 B DG 11 O6 ? ? AAA DC 2  BBB DG 23 1_555 ? ? ? ? ? ? WATSON-CRICK ? ? ? 
hydrog6  hydrog ? ? A DC 2  O2 ? ? ? 1_555 B DG 11 N2 ? ? AAA DC 2  BBB DG 23 1_555 ? ? ? ? ? ? WATSON-CRICK ? ? ? 
hydrog7  hydrog ? ? A DC 3  N3 ? ? ? 1_555 B DG 10 N1 ? ? AAA DC 3  BBB DG 22 1_555 ? ? ? ? ? ? WATSON-CRICK ? ? ? 
hydrog8  hydrog ? ? A DC 3  N4 ? ? ? 1_555 B DG 10 O6 ? ? AAA DC 3  BBB DG 22 1_555 ? ? ? ? ? ? WATSON-CRICK ? ? ? 
hydrog9  hydrog ? ? A DC 3  O2 ? ? ? 1_555 B DG 10 N2 ? ? AAA DC 3  BBB DG 22 1_555 ? ? ? ? ? ? WATSON-CRICK ? ? ? 
hydrog10 hydrog ? ? A DC 4  N3 ? ? ? 1_555 B DG 9  N1 ? ? AAA DC 4  BBB DG 21 1_555 ? ? ? ? ? ? WATSON-CRICK ? ? ? 
hydrog11 hydrog ? ? A DC 4  N4 ? ? ? 1_555 B DG 9  O6 ? ? AAA DC 4  BBB DG 21 1_555 ? ? ? ? ? ? WATSON-CRICK ? ? ? 
hydrog12 hydrog ? ? A DC 4  O2 ? ? ? 1_555 B DG 9  N2 ? ? AAA DC 4  BBB DG 21 1_555 ? ? ? ? ? ? WATSON-CRICK ? ? ? 
hydrog13 hydrog ? ? A DA 5  N1 ? ? ? 1_555 B DT 8  N3 ? ? AAA DA 5  BBB DT 20 1_555 ? ? ? ? ? ? WATSON-CRICK ? ? ? 
hydrog14 hydrog ? ? A DA 5  N6 ? ? ? 1_555 B DT 8  O4 ? ? AAA DA 5  BBB DT 20 1_555 ? ? ? ? ? ? WATSON-CRICK ? ? ? 
hydrog15 hydrog ? ? A DC 6  N3 ? ? ? 1_555 B DG 7  N1 ? ? AAA DC 6  BBB DG 19 1_555 ? ? ? ? ? ? WATSON-CRICK ? ? ? 
hydrog16 hydrog ? ? A DC 6  N4 ? ? ? 1_555 B DG 7  O6 ? ? AAA DC 6  BBB DG 19 1_555 ? ? ? ? ? ? WATSON-CRICK ? ? ? 
hydrog17 hydrog ? ? A DC 6  O2 ? ? ? 1_555 B DG 7  N2 ? ? AAA DC 6  BBB DG 19 1_555 ? ? ? ? ? ? WATSON-CRICK ? ? ? 
hydrog18 hydrog ? ? A DC 7  N3 ? ? ? 1_555 B DG 6  N1 ? ? AAA DC 7  BBB DG 18 1_555 ? ? ? ? ? ? WATSON-CRICK ? ? ? 
hydrog19 hydrog ? ? A DC 7  N4 ? ? ? 1_555 B DG 6  O6 ? ? AAA DC 7  BBB DG 18 1_555 ? ? ? ? ? ? WATSON-CRICK ? ? ? 
hydrog20 hydrog ? ? A DC 7  O2 ? ? ? 1_555 B DG 6  N2 ? ? AAA DC 7  BBB DG 18 1_555 ? ? ? ? ? ? WATSON-CRICK ? ? ? 
hydrog21 hydrog ? ? A DA 8  N1 ? ? ? 1_555 B DT 5  N3 ? ? AAA DA 8  BBB DT 17 1_555 ? ? ? ? ? ? WATSON-CRICK ? ? ? 
hydrog22 hydrog ? ? A DA 8  N6 ? ? ? 1_555 B DT 5  O4 ? ? AAA DA 8  BBB DT 17 1_555 ? ? ? ? ? ? WATSON-CRICK ? ? ? 
hydrog23 hydrog ? ? A DC 9  N3 ? ? ? 1_555 B DG 4  N1 ? ? AAA DC 9  BBB DG 16 1_555 ? ? ? ? ? ? WATSON-CRICK ? ? ? 
hydrog24 hydrog ? ? A DC 9  N4 ? ? ? 1_555 B DG 4  O6 ? ? AAA DC 9  BBB DG 16 1_555 ? ? ? ? ? ? WATSON-CRICK ? ? ? 
hydrog25 hydrog ? ? A DC 9  O2 ? ? ? 1_555 B DG 4  N2 ? ? AAA DC 9  BBB DG 16 1_555 ? ? ? ? ? ? WATSON-CRICK ? ? ? 
hydrog26 hydrog ? ? A DG 10 N1 ? ? ? 1_555 B DC 3  N3 ? ? AAA DG 10 BBB DC 15 1_555 ? ? ? ? ? ? WATSON-CRICK ? ? ? 
hydrog27 hydrog ? ? A DG 10 N2 ? ? ? 1_555 B DC 3  O2 ? ? AAA DG 10 BBB DC 15 1_555 ? ? ? ? ? ? WATSON-CRICK ? ? ? 
hydrog28 hydrog ? ? A DG 10 O6 ? ? ? 1_555 B DC 3  N4 ? ? AAA DG 10 BBB DC 15 1_555 ? ? ? ? ? ? WATSON-CRICK ? ? ? 
hydrog29 hydrog ? ? A DG 11 N1 ? ? ? 1_555 B DC 2  N3 ? ? AAA DG 11 BBB DC 14 1_555 ? ? ? ? ? ? WATSON-CRICK ? ? ? 
hydrog30 hydrog ? ? A DG 11 N2 ? ? ? 1_555 B DC 2  O2 ? ? AAA DG 11 BBB DC 14 1_555 ? ? ? ? ? ? WATSON-CRICK ? ? ? 
hydrog31 hydrog ? ? A DG 11 O6 ? ? ? 1_555 B DC 2  N4 ? ? AAA DG 11 BBB DC 14 1_555 ? ? ? ? ? ? WATSON-CRICK ? ? ? 
hydrog32 hydrog ? ? A DC 12 N3 ? ? ? 1_555 B DG 1  N1 ? ? AAA DC 12 BBB DG 13 1_555 ? ? ? ? ? ? WATSON-CRICK ? ? ? 
hydrog33 hydrog ? ? A DC 12 N4 ? ? ? 1_555 B DG 1  O6 ? ? AAA DC 12 BBB DG 13 1_555 ? ? ? ? ? ? WATSON-CRICK ? ? ? 
hydrog34 hydrog ? ? A DC 12 O2 ? ? ? 1_555 B DG 1  N2 ? ? AAA DC 12 BBB DG 13 1_555 ? ? ? ? ? ? WATSON-CRICK ? ? ? 
# 
_struct_conn_type.id          hydrog 
_struct_conn_type.criteria    ? 
_struct_conn_type.reference   ? 
# 
_pdbx_validate_rmsd_angle.id                         1 
_pdbx_validate_rmsd_angle.PDB_model_num              1 
_pdbx_validate_rmsd_angle.auth_atom_id_1             "C3'" 
_pdbx_validate_rmsd_angle.auth_asym_id_1             AAA 
_pdbx_validate_rmsd_angle.auth_comp_id_1             DG 
_pdbx_validate_rmsd_angle.auth_seq_id_1              1 
_pdbx_validate_rmsd_angle.PDB_ins_code_1             ? 
_pdbx_validate_rmsd_angle.label_alt_id_1             ? 
_pdbx_validate_rmsd_angle.auth_atom_id_2             "C2'" 
_pdbx_validate_rmsd_angle.auth_asym_id_2             AAA 
_pdbx_validate_rmsd_angle.auth_comp_id_2             DG 
_pdbx_validate_rmsd_angle.auth_seq_id_2              1 
_pdbx_validate_rmsd_angle.PDB_ins_code_2             ? 
_pdbx_validate_rmsd_angle.label_alt_id_2             ? 
_pdbx_validate_rmsd_angle.auth_atom_id_3             "C1'" 
_pdbx_validate_rmsd_angle.auth_asym_id_3             AAA 
_pdbx_validate_rmsd_angle.auth_comp_id_3             DG 
_pdbx_validate_rmsd_angle.auth_seq_id_3              1 
_pdbx_validate_rmsd_angle.PDB_ins_code_3             ? 
_pdbx_validate_rmsd_angle.label_alt_id_3             ? 
_pdbx_validate_rmsd_angle.angle_value                97.57 
_pdbx_validate_rmsd_angle.angle_target_value         102.40 
_pdbx_validate_rmsd_angle.angle_deviation            -4.83 
_pdbx_validate_rmsd_angle.angle_standard_deviation   0.80 
_pdbx_validate_rmsd_angle.linker_flag                N 
# 
loop_
_chem_comp_atom.comp_id 
_chem_comp_atom.atom_id 
_chem_comp_atom.type_symbol 
_chem_comp_atom.pdbx_aromatic_flag 
_chem_comp_atom.pdbx_stereo_config 
_chem_comp_atom.pdbx_ordinal 
DA OP3    O N N 1   
DA P      P N N 2   
DA OP1    O N N 3   
DA OP2    O N N 4   
DA "O5'"  O N N 5   
DA "C5'"  C N N 6   
DA "C4'"  C N R 7   
DA "O4'"  O N N 8   
DA "C3'"  C N S 9   
DA "O3'"  O N N 10  
DA "C2'"  C N N 11  
DA "C1'"  C N R 12  
DA N9     N Y N 13  
DA C8     C Y N 14  
DA N7     N Y N 15  
DA C5     C Y N 16  
DA C6     C Y N 17  
DA N6     N N N 18  
DA N1     N Y N 19  
DA C2     C Y N 20  
DA N3     N Y N 21  
DA C4     C Y N 22  
DA HOP3   H N N 23  
DA HOP2   H N N 24  
DA "H5'"  H N N 25  
DA "H5''" H N N 26  
DA "H4'"  H N N 27  
DA "H3'"  H N N 28  
DA "HO3'" H N N 29  
DA "H2'"  H N N 30  
DA "H2''" H N N 31  
DA "H1'"  H N N 32  
DA H8     H N N 33  
DA H61    H N N 34  
DA H62    H N N 35  
DA H2     H N N 36  
DC OP3    O N N 37  
DC P      P N N 38  
DC OP1    O N N 39  
DC OP2    O N N 40  
DC "O5'"  O N N 41  
DC "C5'"  C N N 42  
DC "C4'"  C N R 43  
DC "O4'"  O N N 44  
DC "C3'"  C N S 45  
DC "O3'"  O N N 46  
DC "C2'"  C N N 47  
DC "C1'"  C N R 48  
DC N1     N N N 49  
DC C2     C N N 50  
DC O2     O N N 51  
DC N3     N N N 52  
DC C4     C N N 53  
DC N4     N N N 54  
DC C5     C N N 55  
DC C6     C N N 56  
DC HOP3   H N N 57  
DC HOP2   H N N 58  
DC "H5'"  H N N 59  
DC "H5''" H N N 60  
DC "H4'"  H N N 61  
DC "H3'"  H N N 62  
DC "HO3'" H N N 63  
DC "H2'"  H N N 64  
DC "H2''" H N N 65  
DC "H1'"  H N N 66  
DC H41    H N N 67  
DC H42    H N N 68  
DC H5     H N N 69  
DC H6     H N N 70  
DG OP3    O N N 71  
DG P      P N N 72  
DG OP1    O N N 73  
DG OP2    O N N 74  
DG "O5'"  O N N 75  
DG "C5'"  C N N 76  
DG "C4'"  C N R 77  
DG "O4'"  O N N 78  
DG "C3'"  C N S 79  
DG "O3'"  O N N 80  
DG "C2'"  C N N 81  
DG "C1'"  C N R 82  
DG N9     N Y N 83  
DG C8     C Y N 84  
DG N7     N Y N 85  
DG C5     C Y N 86  
DG C6     C N N 87  
DG O6     O N N 88  
DG N1     N N N 89  
DG C2     C N N 90  
DG N2     N N N 91  
DG N3     N N N 92  
DG C4     C Y N 93  
DG HOP3   H N N 94  
DG HOP2   H N N 95  
DG "H5'"  H N N 96  
DG "H5''" H N N 97  
DG "H4'"  H N N 98  
DG "H3'"  H N N 99  
DG "HO3'" H N N 100 
DG "H2'"  H N N 101 
DG "H2''" H N N 102 
DG "H1'"  H N N 103 
DG H8     H N N 104 
DG H1     H N N 105 
DG H21    H N N 106 
DG H22    H N N 107 
DT OP3    O N N 108 
DT P      P N N 109 
DT OP1    O N N 110 
DT OP2    O N N 111 
DT "O5'"  O N N 112 
DT "C5'"  C N N 113 
DT "C4'"  C N R 114 
DT "O4'"  O N N 115 
DT "C3'"  C N S 116 
DT "O3'"  O N N 117 
DT "C2'"  C N N 118 
DT "C1'"  C N R 119 
DT N1     N N N 120 
DT C2     C N N 121 
DT O2     O N N 122 
DT N3     N N N 123 
DT C4     C N N 124 
DT O4     O N N 125 
DT C5     C N N 126 
DT C7     C N N 127 
DT C6     C N N 128 
DT HOP3   H N N 129 
DT HOP2   H N N 130 
DT "H5'"  H N N 131 
DT "H5''" H N N 132 
DT "H4'"  H N N 133 
DT "H3'"  H N N 134 
DT "HO3'" H N N 135 
DT "H2'"  H N N 136 
DT "H2''" H N N 137 
DT "H1'"  H N N 138 
DT H3     H N N 139 
DT H71    H N N 140 
DT H72    H N N 141 
DT H73    H N N 142 
DT H6     H N N 143 
# 
loop_
_chem_comp_bond.comp_id 
_chem_comp_bond.atom_id_1 
_chem_comp_bond.atom_id_2 
_chem_comp_bond.value_order 
_chem_comp_bond.pdbx_aromatic_flag 
_chem_comp_bond.pdbx_stereo_config 
_chem_comp_bond.pdbx_ordinal 
DA OP3   P      sing N N 1   
DA OP3   HOP3   sing N N 2   
DA P     OP1    doub N N 3   
DA P     OP2    sing N N 4   
DA P     "O5'"  sing N N 5   
DA OP2   HOP2   sing N N 6   
DA "O5'" "C5'"  sing N N 7   
DA "C5'" "C4'"  sing N N 8   
DA "C5'" "H5'"  sing N N 9   
DA "C5'" "H5''" sing N N 10  
DA "C4'" "O4'"  sing N N 11  
DA "C4'" "C3'"  sing N N 12  
DA "C4'" "H4'"  sing N N 13  
DA "O4'" "C1'"  sing N N 14  
DA "C3'" "O3'"  sing N N 15  
DA "C3'" "C2'"  sing N N 16  
DA "C3'" "H3'"  sing N N 17  
DA "O3'" "HO3'" sing N N 18  
DA "C2'" "C1'"  sing N N 19  
DA "C2'" "H2'"  sing N N 20  
DA "C2'" "H2''" sing N N 21  
DA "C1'" N9     sing N N 22  
DA "C1'" "H1'"  sing N N 23  
DA N9    C8     sing Y N 24  
DA N9    C4     sing Y N 25  
DA C8    N7     doub Y N 26  
DA C8    H8     sing N N 27  
DA N7    C5     sing Y N 28  
DA C5    C6     sing Y N 29  
DA C5    C4     doub Y N 30  
DA C6    N6     sing N N 31  
DA C6    N1     doub Y N 32  
DA N6    H61    sing N N 33  
DA N6    H62    sing N N 34  
DA N1    C2     sing Y N 35  
DA C2    N3     doub Y N 36  
DA C2    H2     sing N N 37  
DA N3    C4     sing Y N 38  
DC OP3   P      sing N N 39  
DC OP3   HOP3   sing N N 40  
DC P     OP1    doub N N 41  
DC P     OP2    sing N N 42  
DC P     "O5'"  sing N N 43  
DC OP2   HOP2   sing N N 44  
DC "O5'" "C5'"  sing N N 45  
DC "C5'" "C4'"  sing N N 46  
DC "C5'" "H5'"  sing N N 47  
DC "C5'" "H5''" sing N N 48  
DC "C4'" "O4'"  sing N N 49  
DC "C4'" "C3'"  sing N N 50  
DC "C4'" "H4'"  sing N N 51  
DC "O4'" "C1'"  sing N N 52  
DC "C3'" "O3'"  sing N N 53  
DC "C3'" "C2'"  sing N N 54  
DC "C3'" "H3'"  sing N N 55  
DC "O3'" "HO3'" sing N N 56  
DC "C2'" "C1'"  sing N N 57  
DC "C2'" "H2'"  sing N N 58  
DC "C2'" "H2''" sing N N 59  
DC "C1'" N1     sing N N 60  
DC "C1'" "H1'"  sing N N 61  
DC N1    C2     sing N N 62  
DC N1    C6     sing N N 63  
DC C2    O2     doub N N 64  
DC C2    N3     sing N N 65  
DC N3    C4     doub N N 66  
DC C4    N4     sing N N 67  
DC C4    C5     sing N N 68  
DC N4    H41    sing N N 69  
DC N4    H42    sing N N 70  
DC C5    C6     doub N N 71  
DC C5    H5     sing N N 72  
DC C6    H6     sing N N 73  
DG OP3   P      sing N N 74  
DG OP3   HOP3   sing N N 75  
DG P     OP1    doub N N 76  
DG P     OP2    sing N N 77  
DG P     "O5'"  sing N N 78  
DG OP2   HOP2   sing N N 79  
DG "O5'" "C5'"  sing N N 80  
DG "C5'" "C4'"  sing N N 81  
DG "C5'" "H5'"  sing N N 82  
DG "C5'" "H5''" sing N N 83  
DG "C4'" "O4'"  sing N N 84  
DG "C4'" "C3'"  sing N N 85  
DG "C4'" "H4'"  sing N N 86  
DG "O4'" "C1'"  sing N N 87  
DG "C3'" "O3'"  sing N N 88  
DG "C3'" "C2'"  sing N N 89  
DG "C3'" "H3'"  sing N N 90  
DG "O3'" "HO3'" sing N N 91  
DG "C2'" "C1'"  sing N N 92  
DG "C2'" "H2'"  sing N N 93  
DG "C2'" "H2''" sing N N 94  
DG "C1'" N9     sing N N 95  
DG "C1'" "H1'"  sing N N 96  
DG N9    C8     sing Y N 97  
DG N9    C4     sing Y N 98  
DG C8    N7     doub Y N 99  
DG C8    H8     sing N N 100 
DG N7    C5     sing Y N 101 
DG C5    C6     sing N N 102 
DG C5    C4     doub Y N 103 
DG C6    O6     doub N N 104 
DG C6    N1     sing N N 105 
DG N1    C2     sing N N 106 
DG N1    H1     sing N N 107 
DG C2    N2     sing N N 108 
DG C2    N3     doub N N 109 
DG N2    H21    sing N N 110 
DG N2    H22    sing N N 111 
DG N3    C4     sing N N 112 
DT OP3   P      sing N N 113 
DT OP3   HOP3   sing N N 114 
DT P     OP1    doub N N 115 
DT P     OP2    sing N N 116 
DT P     "O5'"  sing N N 117 
DT OP2   HOP2   sing N N 118 
DT "O5'" "C5'"  sing N N 119 
DT "C5'" "C4'"  sing N N 120 
DT "C5'" "H5'"  sing N N 121 
DT "C5'" "H5''" sing N N 122 
DT "C4'" "O4'"  sing N N 123 
DT "C4'" "C3'"  sing N N 124 
DT "C4'" "H4'"  sing N N 125 
DT "O4'" "C1'"  sing N N 126 
DT "C3'" "O3'"  sing N N 127 
DT "C3'" "C2'"  sing N N 128 
DT "C3'" "H3'"  sing N N 129 
DT "O3'" "HO3'" sing N N 130 
DT "C2'" "C1'"  sing N N 131 
DT "C2'" "H2'"  sing N N 132 
DT "C2'" "H2''" sing N N 133 
DT "C1'" N1     sing N N 134 
DT "C1'" "H1'"  sing N N 135 
DT N1    C2     sing N N 136 
DT N1    C6     sing N N 137 
DT C2    O2     doub N N 138 
DT C2    N3     sing N N 139 
DT N3    C4     sing N N 140 
DT N3    H3     sing N N 141 
DT C4    O4     doub N N 142 
DT C4    C5     sing N N 143 
DT C5    C7     sing N N 144 
DT C5    C6     doub N N 145 
DT C7    H71    sing N N 146 
DT C7    H72    sing N N 147 
DT C7    H73    sing N N 148 
DT C6    H6     sing N N 149 
# 
_ndb_struct_conf_na.entry_id   8ASK 
_ndb_struct_conf_na.feature    'b-form double helix' 
# 
loop_
_ndb_struct_na_base_pair.model_number 
_ndb_struct_na_base_pair.i_label_asym_id 
_ndb_struct_na_base_pair.i_label_comp_id 
_ndb_struct_na_base_pair.i_label_seq_id 
_ndb_struct_na_base_pair.i_symmetry 
_ndb_struct_na_base_pair.j_label_asym_id 
_ndb_struct_na_base_pair.j_label_comp_id 
_ndb_struct_na_base_pair.j_label_seq_id 
_ndb_struct_na_base_pair.j_symmetry 
_ndb_struct_na_base_pair.shear 
_ndb_struct_na_base_pair.stretch 
_ndb_struct_na_base_pair.stagger 
_ndb_struct_na_base_pair.buckle 
_ndb_struct_na_base_pair.propeller 
_ndb_struct_na_base_pair.opening 
_ndb_struct_na_base_pair.pair_number 
_ndb_struct_na_base_pair.pair_name 
_ndb_struct_na_base_pair.i_auth_asym_id 
_ndb_struct_na_base_pair.i_auth_seq_id 
_ndb_struct_na_base_pair.i_PDB_ins_code 
_ndb_struct_na_base_pair.j_auth_asym_id 
_ndb_struct_na_base_pair.j_auth_seq_id 
_ndb_struct_na_base_pair.j_PDB_ins_code 
_ndb_struct_na_base_pair.hbond_type_28 
_ndb_struct_na_base_pair.hbond_type_12 
1 A DG 1  1_555 B DC 12 1_555 0.215  -0.106 0.059  0.290  -18.036 -3.792 1  AAA_DG1:DC24_BBB  AAA 1  ? BBB 24 ? 19 1 
1 A DC 2  1_555 B DG 11 1_555 0.070  0.048  0.134  1.635  -6.192  3.203  2  AAA_DC2:DG23_BBB  AAA 2  ? BBB 23 ? 19 1 
1 A DC 3  1_555 B DG 10 1_555 0.143  0.132  0.315  -9.135 -15.529 4.904  3  AAA_DC3:DG22_BBB  AAA 3  ? BBB 22 ? 19 1 
1 A DC 4  1_555 B DG 9  1_555 -0.332 -0.204 0.525  -7.575 -12.389 0.758  4  AAA_DC4:DG21_BBB  AAA 4  ? BBB 21 ? 19 1 
1 A DA 5  1_555 B DT 8  1_555 0.014  -0.381 0.171  5.513  -13.333 -3.510 5  AAA_DA5:DT20_BBB  AAA 5  ? BBB 20 ? 20 1 
1 A DC 6  1_555 B DG 7  1_555 0.251  -0.117 0.049  -0.792 -15.923 -2.188 6  AAA_DC6:DG19_BBB  AAA 6  ? BBB 19 ? 19 1 
1 A DC 7  1_555 B DG 6  1_555 0.324  -0.043 -0.153 2.156  -10.889 1.659  7  AAA_DC7:DG18_BBB  AAA 7  ? BBB 18 ? 19 1 
1 A DA 8  1_555 B DT 5  1_555 -0.152 -0.120 -0.082 0.211  -11.774 0.748  8  AAA_DA8:DT17_BBB  AAA 8  ? BBB 17 ? 20 1 
1 A DC 9  1_555 B DG 4  1_555 0.107  -0.133 -0.001 6.540  -14.519 1.390  9  AAA_DC9:DG16_BBB  AAA 9  ? BBB 16 ? 19 1 
1 A DG 10 1_555 B DC 3  1_555 -0.020 -0.053 0.308  8.074  -8.327  1.251  10 AAA_DG10:DC15_BBB AAA 10 ? BBB 15 ? 19 1 
1 A DG 11 1_555 B DC 2  1_555 0.009  -0.277 0.435  3.411  -7.868  -3.055 11 AAA_DG11:DC14_BBB AAA 11 ? BBB 14 ? 19 1 
1 A DC 12 1_555 B DG 1  1_555 -0.038 0.036  0.698  -9.524 -12.054 0.198  12 AAA_DC12:DG13_BBB AAA 12 ? BBB 13 ? 19 1 
# 
loop_
_ndb_struct_na_base_pair_step.model_number 
_ndb_struct_na_base_pair_step.i_label_asym_id_1 
_ndb_struct_na_base_pair_step.i_label_comp_id_1 
_ndb_struct_na_base_pair_step.i_label_seq_id_1 
_ndb_struct_na_base_pair_step.i_symmetry_1 
_ndb_struct_na_base_pair_step.j_label_asym_id_1 
_ndb_struct_na_base_pair_step.j_label_comp_id_1 
_ndb_struct_na_base_pair_step.j_label_seq_id_1 
_ndb_struct_na_base_pair_step.j_symmetry_1 
_ndb_struct_na_base_pair_step.i_label_asym_id_2 
_ndb_struct_na_base_pair_step.i_label_comp_id_2 
_ndb_struct_na_base_pair_step.i_label_seq_id_2 
_ndb_struct_na_base_pair_step.i_symmetry_2 
_ndb_struct_na_base_pair_step.j_label_asym_id_2 
_ndb_struct_na_base_pair_step.j_label_comp_id_2 
_ndb_struct_na_base_pair_step.j_label_seq_id_2 
_ndb_struct_na_base_pair_step.j_symmetry_2 
_ndb_struct_na_base_pair_step.shift 
_ndb_struct_na_base_pair_step.slide 
_ndb_struct_na_base_pair_step.rise 
_ndb_struct_na_base_pair_step.tilt 
_ndb_struct_na_base_pair_step.roll 
_ndb_struct_na_base_pair_step.twist 
_ndb_struct_na_base_pair_step.x_displacement 
_ndb_struct_na_base_pair_step.y_displacement 
_ndb_struct_na_base_pair_step.helical_rise 
_ndb_struct_na_base_pair_step.inclination 
_ndb_struct_na_base_pair_step.tip 
_ndb_struct_na_base_pair_step.helical_twist 
_ndb_struct_na_base_pair_step.step_number 
_ndb_struct_na_base_pair_step.step_name 
_ndb_struct_na_base_pair_step.i_auth_asym_id_1 
_ndb_struct_na_base_pair_step.i_auth_seq_id_1 
_ndb_struct_na_base_pair_step.i_PDB_ins_code_1 
_ndb_struct_na_base_pair_step.j_auth_asym_id_1 
_ndb_struct_na_base_pair_step.j_auth_seq_id_1 
_ndb_struct_na_base_pair_step.j_PDB_ins_code_1 
_ndb_struct_na_base_pair_step.i_auth_asym_id_2 
_ndb_struct_na_base_pair_step.i_auth_seq_id_2 
_ndb_struct_na_base_pair_step.i_PDB_ins_code_2 
_ndb_struct_na_base_pair_step.j_auth_asym_id_2 
_ndb_struct_na_base_pair_step.j_auth_seq_id_2 
_ndb_struct_na_base_pair_step.j_PDB_ins_code_2 
1 A DG 1  1_555 B DC 12 1_555 A DC 2  1_555 B DG 11 1_555 0.242  0.345 3.282 -1.614 1.073  37.035 0.399  -0.597 3.277 1.689  2.539 
37.084 1  AAAAAA_DG1DC2:DG23DC24_BBBBBB   AAA 1  ? BBB 24 ? AAA 2  ? BBB 23 ? 
1 A DC 2  1_555 B DG 11 1_555 A DC 3  1_555 B DG 10 1_555 -0.038 0.638 3.593 -1.263 2.812  36.648 0.588  -0.130 3.629 4.462  2.004 
36.773 2  AAAAAA_DC2DC3:DG22DG23_BBBBBB   AAA 2  ? BBB 23 ? AAA 3  ? BBB 22 ? 
1 A DC 3  1_555 B DG 10 1_555 A DC 4  1_555 B DG 9  1_555 -0.524 0.200 3.286 -4.599 0.057  34.310 0.328  0.161  3.326 0.096  7.752 
34.608 3  AAAAAA_DC3DC4:DG21DG22_BBBBBB   AAA 3  ? BBB 22 ? AAA 4  ? BBB 21 ? 
1 A DC 4  1_555 B DG 9  1_555 A DA 5  1_555 B DT 8  1_555 0.011  0.571 3.133 3.375  -4.748 38.380 1.410  0.374  3.034 -7.172 
-5.097 38.803 4  AAAAAA_DC4DA5:DT20DG21_BBBBBB   AAA 4  ? BBB 21 ? AAA 5  ? BBB 20 ? 
1 A DA 5  1_555 B DT 8  1_555 A DC 6  1_555 B DG 7  1_555 0.061  0.428 3.489 1.050  4.362  37.524 0.058  0.052  3.516 6.752  
-1.626 37.782 5  AAAAAA_DA5DC6:DG19DT20_BBBBBB   AAA 5  ? BBB 20 ? AAA 6  ? BBB 19 ? 
1 A DC 6  1_555 B DG 7  1_555 A DC 7  1_555 B DG 6  1_555 0.153  0.578 3.202 1.004  0.394  35.274 0.897  -0.106 3.211 0.650  
-1.657 35.290 6  AAAAAA_DC6DC7:DG18DG19_BBBBBB   AAA 6  ? BBB 19 ? AAA 7  ? BBB 18 ? 
1 A DC 7  1_555 B DG 6  1_555 A DA 8  1_555 B DT 5  1_555 -0.129 0.487 3.375 -1.132 7.281  33.150 -0.391 0.031  3.405 12.568 1.954 
33.937 7  AAAAAA_DC7DA8:DT17DG18_BBBBBB   AAA 7  ? BBB 18 ? AAA 8  ? BBB 17 ? 
1 A DA 8  1_555 B DT 5  1_555 A DC 9  1_555 B DG 4  1_555 -0.056 0.818 3.260 -1.506 -6.332 38.456 1.975  -0.095 3.092 -9.530 2.267 
38.982 8  AAAAAA_DA8DC9:DG16DT17_BBBBBB   AAA 8  ? BBB 17 ? AAA 9  ? BBB 16 ? 
1 A DC 9  1_555 B DG 4  1_555 A DG 10 1_555 B DC 3  1_555 0.169  0.233 3.263 0.334  2.866  34.774 -0.047 -0.232 3.273 4.784  
-0.557 34.890 9  AAAAAA_DC9DG10:DC15DG16_BBBBBB  AAA 9  ? BBB 16 ? AAA 10 ? BBB 15 ? 
1 A DG 10 1_555 B DC 3  1_555 A DG 11 1_555 B DC 2  1_555 -0.052 0.361 3.514 -0.551 -0.073 36.163 0.593  0.000  3.513 -0.117 0.888 
36.167 10 AAAAAA_DG10DG11:DC14DC15_BBBBBB AAA 10 ? BBB 15 ? AAA 11 ? BBB 14 ? 
1 A DG 11 1_555 B DC 2  1_555 A DC 12 1_555 B DG 1  1_555 0.063  0.070 3.672 -0.917 2.035  37.208 -0.192 -0.235 3.668 3.185  1.436 
37.273 11 AAAAAA_DG11DC12:DG13DC14_BBBBBB AAA 11 ? BBB 14 ? AAA 12 ? BBB 13 ? 
# 
_pdbx_audit_support.funding_organization   'The Bulgarian National Science Fund (BNSF)' 
_pdbx_audit_support.country                Bulgaria 
_pdbx_audit_support.grant_number           KP-06-M31/1 
_pdbx_audit_support.ordinal                1 
# 
_pdbx_initial_refinement_model.accession_code   ? 
_pdbx_initial_refinement_model.id               1 
_pdbx_initial_refinement_model.entity_id_list   ? 
_pdbx_initial_refinement_model.type             other 
_pdbx_initial_refinement_model.source_name      ? 
_pdbx_initial_refinement_model.details          X3DNA 
# 
_atom_sites.entry_id                    8ASK 
_atom_sites.Cartn_transf_matrix[1][1]   ? 
_atom_sites.Cartn_transf_matrix[1][2]   ? 
_atom_sites.Cartn_transf_matrix[1][3]   ? 
_atom_sites.Cartn_transf_matrix[2][1]   ? 
_atom_sites.Cartn_transf_matrix[2][2]   ? 
_atom_sites.Cartn_transf_matrix[2][3]   ? 
_atom_sites.Cartn_transf_matrix[3][1]   ? 
_atom_sites.Cartn_transf_matrix[3][2]   ? 
_atom_sites.Cartn_transf_matrix[3][3]   ? 
_atom_sites.Cartn_transf_vector[1]      ? 
_atom_sites.Cartn_transf_vector[2]      ? 
_atom_sites.Cartn_transf_vector[3]      ? 
_atom_sites.fract_transf_matrix[1][1]   -0.00946822 
_atom_sites.fract_transf_matrix[1][2]   -0.01256607 
_atom_sites.fract_transf_matrix[1][3]   -0.00854628 
_atom_sites.fract_transf_matrix[2][1]   0.00676756 
_atom_sites.fract_transf_matrix[2][2]   -0.01644674 
_atom_sites.fract_transf_matrix[2][3]   -0.00207217 
_atom_sites.fract_transf_matrix[3][1]   -0.00893023 
_atom_sites.fract_transf_matrix[3][2]   -0.00604013 
_atom_sites.fract_transf_matrix[3][3]   0.01877473 
_atom_sites.fract_transf_vector[1]      0.295647 
_atom_sites.fract_transf_vector[2]      -0.077972 
_atom_sites.fract_transf_vector[3]      -0.002711 
_atom_sites.solution_primary            ? 
_atom_sites.solution_secondary          ? 
_atom_sites.solution_hydrogens          ? 
_atom_sites.special_details             ? 
# 
loop_
_atom_type.symbol 
_atom_type.pdbx_scat_Z 
_atom_type.pdbx_N_electrons 
_atom_type.scat_Cromer_Mann_a1 
_atom_type.scat_Cromer_Mann_b1 
_atom_type.scat_Cromer_Mann_a2 
_atom_type.scat_Cromer_Mann_b2 
_atom_type.scat_Cromer_Mann_a3 
_atom_type.scat_Cromer_Mann_b3 
_atom_type.scat_Cromer_Mann_a4 
_atom_type.scat_Cromer_Mann_b4 
_atom_type.scat_Cromer_Mann_c 
C 6  6  2.310  20.844 1.020 10.208 1.589 0.569  0.865 51.651 0.216   
H 1  1  0.493  10.511 0.323 26.126 0.140 3.142  0.041 57.800 0.003   
N 7  7  12.222 0.006  3.135 9.893  2.014 28.997 1.167 0.583  -11.538 
O 8  8  3.049  13.277 2.287 5.701  1.546 0.324  0.867 32.909 0.251   
P 15 15 6.435  1.907  4.179 27.157 1.780 0.526  1.491 68.164 1.273   
# 
loop_
_atom_site.group_PDB 
_atom_site.id 
_atom_site.type_symbol 
_atom_site.label_atom_id 
_atom_site.label_alt_id 
_atom_site.label_comp_id 
_atom_site.label_asym_id 
_atom_site.label_entity_id 
_atom_site.label_seq_id 
_atom_site.pdbx_PDB_ins_code 
_atom_site.Cartn_x 
_atom_site.Cartn_y 
_atom_site.Cartn_z 
_atom_site.occupancy 
_atom_site.B_iso_or_equiv 
_atom_site.pdbx_formal_charge 
_atom_site.auth_seq_id 
_atom_site.auth_comp_id 
_atom_site.auth_asym_id 
_atom_site.auth_atom_id 
_atom_site.pdbx_PDB_model_num 
_atom_site.calc_flag 
ATOM 1   P P     . DG A 1 1  ? 6.341   21.356  2.282   1.000 96.310  ? 1  DG AAA P     1 ? 
ATOM 2   O OP1   . DG A 1 1  ? 5.900   22.774  2.200   1.000 95.636  ? 1  DG AAA OP1   1 ? 
ATOM 3   O OP2   . DG A 1 1  ? 5.599   20.363  3.102   1.000 97.170  ? 1  DG AAA OP2   1 ? 
ATOM 4   O "O5'" . DG A 1 1  ? 6.225   20.846  0.787   1.000 92.323  ? 1  DG AAA "O5'" 1 ? 
ATOM 5   C "C5'" . DG A 1 1  ? 7.340   21.046  -0.085  1.000 100.605 ? 1  DG AAA "C5'" 1 ? 
ATOM 6   C "C4'" . DG A 1 1  ? 7.755   19.736  -0.708  1.000 99.824  ? 1  DG AAA "C4'" 1 ? 
ATOM 7   O "O4'" . DG A 1 1  ? 8.562   18.957  0.207   1.000 96.878  ? 1  DG AAA "O4'" 1 ? 
ATOM 8   C "C3'" . DG A 1 1  ? 6.592   18.824  -1.089  1.000 96.383  ? 1  DG AAA "C3'" 1 ? 
ATOM 9   O "O3'" . DG A 1 1  ? 6.997   18.136  -2.259  1.000 91.238  ? 1  DG AAA "O3'" 1 ? 
ATOM 10  C "C2'" . DG A 1 1  ? 6.569   17.809  0.031   1.000 96.541  ? 1  DG AAA "C2'" 1 ? 
ATOM 11  C "C1'" . DG A 1 1  ? 8.058   17.641  0.179   1.000 95.839  ? 1  DG AAA "C1'" 1 ? 
ATOM 12  N N9    . DG A 1 1  ? 8.529   16.945  1.364   1.000 92.676  ? 1  DG AAA N9    1 ? 
ATOM 13  C C8    . DG A 1 1  ? 7.996   16.950  2.631   1.000 92.475  ? 1  DG AAA C8    1 ? 
ATOM 14  N N7    . DG A 1 1  ? 8.648   16.182  3.461   1.000 90.946  ? 1  DG AAA N7    1 ? 
ATOM 15  C C5    . DG A 1 1  ? 9.660   15.625  2.689   1.000 88.257  ? 1  DG AAA C5    1 ? 
ATOM 16  C C6    . DG A 1 1  ? 10.689  14.704  3.037   1.000 86.950  ? 1  DG AAA C6    1 ? 
ATOM 17  O O6    . DG A 1 1  ? 10.918  14.178  4.130   1.000 87.125  ? 1  DG AAA O6    1 ? 
ATOM 18  N N1    . DG A 1 1  ? 11.502  14.411  1.948   1.000 90.327  ? 1  DG AAA N1    1 ? 
ATOM 19  C C2    . DG A 1 1  ? 11.346  14.928  0.686   1.000 98.685  ? 1  DG AAA C2    1 ? 
ATOM 20  N N2    . DG A 1 1  ? 12.236  14.524  -0.231  1.000 102.511 ? 1  DG AAA N2    1 ? 
ATOM 21  N N3    . DG A 1 1  ? 10.394  15.782  0.349   1.000 96.155  ? 1  DG AAA N3    1 ? 
ATOM 22  C C4    . DG A 1 1  ? 9.592   16.082  1.391   1.000 90.357  ? 1  DG AAA C4    1 ? 
ATOM 23  P P     . DC A 1 2  ? 5.967   17.947  -3.402  1.000 101.819 ? 2  DC AAA P     1 ? 
ATOM 24  O OP1   . DC A 1 2  ? 6.028   19.154  -4.263  1.000 94.845  ? 2  DC AAA OP1   1 ? 
ATOM 25  O OP2   . DC A 1 2  ? 4.688   17.520  -2.781  1.000 99.547  ? 2  DC AAA OP2   1 ? 
ATOM 26  O "O5'" . DC A 1 2  ? 6.585   16.744  -4.231  1.000 93.924  ? 2  DC AAA "O5'" 1 ? 
ATOM 27  C "C5'" . DC A 1 2  ? 7.987   16.702  -4.505  1.000 91.519  ? 2  DC AAA "C5'" 1 ? 
ATOM 28  C "C4'" . DC A 1 2  ? 8.424   15.260  -4.551  1.000 89.372  ? 2  DC AAA "C4'" 1 ? 
ATOM 29  O "O4'" . DC A 1 2  ? 8.677   14.779  -3.213  1.000 84.327  ? 2  DC AAA "O4'" 1 ? 
ATOM 30  C "C3'" . DC A 1 2  ? 7.366   14.317  -5.105  1.000 88.801  ? 2  DC AAA "C3'" 1 ? 
ATOM 31  O "O3'" . DC A 1 2  ? 8.064   13.205  -5.640  1.000 95.613  ? 2  DC AAA "O3'" 1 ? 
ATOM 32  C "C2'" . DC A 1 2  ? 6.642   13.865  -3.857  1.000 85.922  ? 2  DC AAA "C2'" 1 ? 
ATOM 33  C "C1'" . DC A 1 2  ? 7.849   13.659  -2.978  1.000 83.703  ? 2  DC AAA "C1'" 1 ? 
ATOM 34  N N1    . DC A 1 2  ? 7.613   13.587  -1.546  1.000 89.466  ? 2  DC AAA N1    1 ? 
ATOM 35  C C2    . DC A 1 2  ? 8.491   12.818  -0.790  1.000 90.046  ? 2  DC AAA C2    1 ? 
ATOM 36  O O2    . DC A 1 2  ? 9.388   12.194  -1.375  1.000 85.130  ? 2  DC AAA O2    1 ? 
ATOM 37  N N3    . DC A 1 2  ? 8.328   12.752  0.552   1.000 95.146  ? 2  DC AAA N3    1 ? 
ATOM 38  C C4    . DC A 1 2  ? 7.339   13.433  1.138   1.000 99.160  ? 2  DC AAA C4    1 ? 
ATOM 39  N N4    . DC A 1 2  ? 7.210   13.333  2.464   1.000 96.216  ? 2  DC AAA N4    1 ? 
ATOM 40  C C5    . DC A 1 2  ? 6.440   14.246  0.388   1.000 103.787 ? 2  DC AAA C5    1 ? 
ATOM 41  C C6    . DC A 1 2  ? 6.622   14.307  -0.937  1.000 100.333 ? 2  DC AAA C6    1 ? 
ATOM 42  P P     . DC A 1 3  ? 7.753   12.768  -7.112  1.000 105.273 ? 3  DC AAA P     1 ? 
ATOM 43  O OP1   . DC A 1 3  ? 8.445   13.712  -8.029  1.000 105.567 ? 3  DC AAA OP1   1 ? 
ATOM 44  O OP2   . DC A 1 3  ? 6.281   12.582  -7.213  1.000 106.076 ? 3  DC AAA OP2   1 ? 
ATOM 45  O "O5'" . DC A 1 3  ? 8.535   11.390  -7.247  1.000 98.439  ? 3  DC AAA "O5'" 1 ? 
ATOM 46  C "C5'" . DC A 1 3  ? 9.855   11.232  -6.710  1.000 91.239  ? 3  DC AAA "C5'" 1 ? 
ATOM 47  C "C4'" . DC A 1 3  ? 9.853   10.017  -5.816  1.000 82.972  ? 3  DC AAA "C4'" 1 ? 
ATOM 48  O "O4'" . DC A 1 3  ? 9.230   10.324  -4.544  1.000 78.368  ? 3  DC AAA "O4'" 1 ? 
ATOM 49  C "C3'" . DC A 1 3  ? 9.065   8.839   -6.392  1.000 75.913  ? 3  DC AAA "C3'" 1 ? 
ATOM 50  O "O3'" . DC A 1 3  ? 9.890   7.692   -6.250  1.000 81.197  ? 3  DC AAA "O3'" 1 ? 
ATOM 51  C "C2'" . DC A 1 3  ? 7.834   8.764   -5.508  1.000 72.277  ? 3  DC AAA "C2'" 1 ? 
ATOM 52  C "C1'" . DC A 1 3  ? 8.421   9.224   -4.196  1.000 72.878  ? 3  DC AAA "C1'" 1 ? 
ATOM 53  N N1    . DC A 1 3  ? 7.492   9.659   -3.146  1.000 74.017  ? 3  DC AAA N1    1 ? 
ATOM 54  C C2    . DC A 1 3  ? 7.718   9.206   -1.847  1.000 78.200  ? 3  DC AAA C2    1 ? 
ATOM 55  O O2    . DC A 1 3  ? 8.669   8.444   -1.641  1.000 81.512  ? 3  DC AAA O2    1 ? 
ATOM 56  N N3    . DC A 1 3  ? 6.889   9.599   -0.851  1.000 85.260  ? 3  DC AAA N3    1 ? 
ATOM 57  C C4    . DC A 1 3  ? 5.877   10.427  -1.116  1.000 94.603  ? 3  DC AAA C4    1 ? 
ATOM 58  N N4    . DC A 1 3  ? 5.085   10.793  -0.101  1.000 97.416  ? 3  DC AAA N4    1 ? 
ATOM 59  C C5    . DC A 1 3  ? 5.631   10.919  -2.433  1.000 89.099  ? 3  DC AAA C5    1 ? 
ATOM 60  C C6    . DC A 1 3  ? 6.460   10.517  -3.408  1.000 81.615  ? 3  DC AAA C6    1 ? 
ATOM 61  P P     . DC A 1 4  ? 9.803   6.511   -7.305  1.000 93.076  ? 4  DC AAA P     1 ? 
ATOM 62  O OP1   . DC A 1 4  ? 10.968  6.618   -8.232  1.000 88.502  ? 4  DC AAA OP1   1 ? 
ATOM 63  O OP2   . DC A 1 4  ? 8.414   6.478   -7.826  1.000 85.491  ? 4  DC AAA OP2   1 ? 
ATOM 64  O "O5'" . DC A 1 4  ? 10.098  5.226   -6.416  1.000 85.519  ? 4  DC AAA "O5'" 1 ? 
ATOM 65  C "C5'" . DC A 1 4  ? 11.159  5.240   -5.446  1.000 85.222  ? 4  DC AAA "C5'" 1 ? 
ATOM 66  C "C4'" . DC A 1 4  ? 10.736  4.456   -4.228  1.000 83.283  ? 4  DC AAA "C4'" 1 ? 
ATOM 67  O "O4'" . DC A 1 4  ? 9.785   5.203   -3.427  1.000 85.342  ? 4  DC AAA "O4'" 1 ? 
ATOM 68  C "C3'" . DC A 1 4  ? 10.051  3.134   -4.559  1.000 83.918  ? 4  DC AAA "C3'" 1 ? 
ATOM 69  O "O3'" . DC A 1 4  ? 10.657  2.150   -3.746  1.000 86.197  ? 4  DC AAA "O3'" 1 ? 
ATOM 70  C "C2'" . DC A 1 4  ? 8.610   3.343   -4.126  1.000 86.370  ? 4  DC AAA "C2'" 1 ? 
ATOM 71  C "C1'" . DC A 1 4  ? 8.780   4.312   -2.978  1.000 82.998  ? 4  DC AAA "C1'" 1 ? 
ATOM 72  N N1    . DC A 1 4  ? 7.585   5.102   -2.597  1.000 82.424  ? 4  DC AAA N1    1 ? 
ATOM 73  C C2    . DC A 1 4  ? 7.179   5.106   -1.258  1.000 86.841  ? 4  DC AAA C2    1 ? 
ATOM 74  O O2    . DC A 1 4  ? 7.832   4.450   -0.434  1.000 97.738  ? 4  DC AAA O2    1 ? 
ATOM 75  N N3    . DC A 1 4  ? 6.088   5.824   -0.894  1.000 87.746  ? 4  DC AAA N3    1 ? 
ATOM 76  C C4    . DC A 1 4  ? 5.417   6.524   -1.812  1.000 91.244  ? 4  DC AAA C4    1 ? 
ATOM 77  N N4    . DC A 1 4  ? 4.347   7.219   -1.411  1.000 91.802  ? 4  DC AAA N4    1 ? 
ATOM 78  C C5    . DC A 1 4  ? 5.808   6.536   -3.184  1.000 90.549  ? 4  DC AAA C5    1 ? 
ATOM 79  C C6    . DC A 1 4  ? 6.885   5.815   -3.530  1.000 88.809  ? 4  DC AAA C6    1 ? 
ATOM 80  P P     . DA A 1 5  ? 10.714  0.648   -4.229  1.000 95.419  ? 5  DA AAA P     1 ? 
ATOM 81  O OP1   . DA A 1 5  ? 12.084  0.398   -4.745  1.000 98.222  ? 5  DA AAA OP1   1 ? 
ATOM 82  O OP2   . DA A 1 5  ? 9.546   0.381   -5.104  1.000 93.820  ? 5  DA AAA OP2   1 ? 
ATOM 83  O "O5'" . DA A 1 5  ? 10.488  -0.121  -2.859  1.000 82.656  ? 5  DA AAA "O5'" 1 ? 
ATOM 84  C "C5'" . DA A 1 5  ? 10.738  0.561   -1.620  1.000 81.384  ? 5  DA AAA "C5'" 1 ? 
ATOM 85  C "C4'" . DA A 1 5  ? 9.714   0.145   -0.593  1.000 83.347  ? 5  DA AAA "C4'" 1 ? 
ATOM 86  O "O4'" . DA A 1 5  ? 8.588   1.049   -0.628  1.000 82.515  ? 5  DA AAA "O4'" 1 ? 
ATOM 87  C "C3'" . DA A 1 5  ? 9.134   -1.259  -0.783  1.000 86.142  ? 5  DA AAA "C3'" 1 ? 
ATOM 88  O "O3'" . DA A 1 5  ? 9.158   -1.879  0.497   1.000 85.764  ? 5  DA AAA "O3'" 1 ? 
ATOM 89  C "C2'" . DA A 1 5  ? 7.713   -1.002  -1.251  1.000 86.306  ? 5  DA AAA "C2'" 1 ? 
ATOM 90  C "C1'" . DA A 1 5  ? 7.397   0.289   -0.529  1.000 85.572  ? 5  DA AAA "C1'" 1 ? 
ATOM 91  N N9    . DA A 1 5  ? 6.311   1.101   -1.075  1.000 90.021  ? 5  DA AAA N9    1 ? 
ATOM 92  C C8    . DA A 1 5  ? 5.956   1.293   -2.390  1.000 94.681  ? 5  DA AAA C8    1 ? 
ATOM 93  N N7    . DA A 1 5  ? 4.956   2.127   -2.550  1.000 93.373  ? 5  DA AAA N7    1 ? 
ATOM 94  C C5    . DA A 1 5  ? 4.643   2.525   -1.257  1.000 90.034  ? 5  DA AAA C5    1 ? 
ATOM 95  C C6    . DA A 1 5  ? 3.676   3.409   -0.747  1.000 87.561  ? 5  DA AAA C6    1 ? 
ATOM 96  N N6    . DA A 1 5  ? 2.804   4.071   -1.509  1.000 87.956  ? 5  DA AAA N6    1 ? 
ATOM 97  N N1    . DA A 1 5  ? 3.629   3.583   0.592   1.000 89.342  ? 5  DA AAA N1    1 ? 
ATOM 98  C C2    . DA A 1 5  ? 4.491   2.903   1.359   1.000 90.926  ? 5  DA AAA C2    1 ? 
ATOM 99  N N3    . DA A 1 5  ? 5.447   2.048   0.997   1.000 90.495  ? 5  DA AAA N3    1 ? 
ATOM 100 C C4    . DA A 1 5  ? 5.472   1.903   -0.340  1.000 90.973  ? 5  DA AAA C4    1 ? 
ATOM 101 P P     . DC A 1 6  ? 9.224   -3.460  0.654   1.000 92.373  ? 6  DC AAA P     1 ? 
ATOM 102 O OP1   . DC A 1 6  ? 10.571  -3.820  1.151   1.000 88.075  ? 6  DC AAA OP1   1 ? 
ATOM 103 O OP2   . DC A 1 6  ? 8.702   -4.102  -0.586  1.000 88.191  ? 6  DC AAA OP2   1 ? 
ATOM 104 O "O5'" . DC A 1 6  ? 8.259   -3.648  1.898   1.000 87.192  ? 6  DC AAA "O5'" 1 ? 
ATOM 105 C "C5'" . DC A 1 6  ? 8.300   -2.677  2.963   1.000 85.976  ? 6  DC AAA "C5'" 1 ? 
ATOM 106 C "C4'" . DC A 1 6  ? 6.923   -2.531  3.559   1.000 88.387  ? 6  DC AAA "C4'" 1 ? 
ATOM 107 O "O4'" . DC A 1 6  ? 6.105   -1.699  2.702   1.000 85.464  ? 6  DC AAA "O4'" 1 ? 
ATOM 108 C "C3'" . DC A 1 6  ? 6.169   -3.857  3.720   1.000 89.419  ? 6  DC AAA "C3'" 1 ? 
ATOM 109 O "O3'" . DC A 1 6  ? 5.649   -3.904  5.054   1.000 92.281  ? 6  DC AAA "O3'" 1 ? 
ATOM 110 C "C2'" . DC A 1 6  ? 5.127   -3.812  2.614   1.000 86.589  ? 6  DC AAA "C2'" 1 ? 
ATOM 111 C "C1'" . DC A 1 6  ? 4.847   -2.321  2.532   1.000 85.763  ? 6  DC AAA "C1'" 1 ? 
ATOM 112 N N1    . DC A 1 6  ? 4.262   -1.812  1.283   1.000 81.811  ? 6  DC AAA N1    1 ? 
ATOM 113 C C2    . DC A 1 6  ? 3.272   -0.829  1.360   1.000 84.174  ? 6  DC AAA C2    1 ? 
ATOM 114 O O2    . DC A 1 6  ? 2.896   -0.445  2.478   1.000 87.734  ? 6  DC AAA O2    1 ? 
ATOM 115 N N3    . DC A 1 6  ? 2.737   -0.336  0.221   1.000 85.003  ? 6  DC AAA N3    1 ? 
ATOM 116 C C4    . DC A 1 6  ? 3.162   -0.783  -0.963  1.000 82.454  ? 6  DC AAA C4    1 ? 
ATOM 117 N N4    . DC A 1 6  ? 2.606   -0.269  -2.063  1.000 81.634  ? 6  DC AAA N4    1 ? 
ATOM 118 C C5    . DC A 1 6  ? 4.177   -1.777  -1.072  1.000 84.120  ? 6  DC AAA C5    1 ? 
ATOM 119 C C6    . DC A 1 6  ? 4.700   -2.253  0.066   1.000 83.453  ? 6  DC AAA C6    1 ? 
ATOM 120 P P     . DC A 1 7  ? 5.210   -5.293  5.733   1.000 95.613  ? 7  DC AAA P     1 ? 
ATOM 121 O OP1   . DC A 1 7  ? 6.148   -5.597  6.852   1.000 87.409  ? 7  DC AAA OP1   1 ? 
ATOM 122 O OP2   . DC A 1 7  ? 5.013   -6.293  4.652   1.000 95.149  ? 7  DC AAA OP2   1 ? 
ATOM 123 O "O5'" . DC A 1 7  ? 3.809   -4.901  6.382   1.000 94.359  ? 7  DC AAA "O5'" 1 ? 
ATOM 124 C "C5'" . DC A 1 7  ? 3.526   -3.532  6.767   1.000 93.077  ? 7  DC AAA "C5'" 1 ? 
ATOM 125 C "C4'" . DC A 1 7  ? 2.054   -3.218  6.621   1.000 92.465  ? 7  DC AAA "C4'" 1 ? 
ATOM 126 O "O4'" . DC A 1 7  ? 1.777   -2.764  5.271   1.000 82.521  ? 7  DC AAA "O4'" 1 ? 
ATOM 127 C "C3'" . DC A 1 7  ? 1.112   -4.401  6.865   1.000 91.950  ? 7  DC AAA "C3'" 1 ? 
ATOM 128 O "O3'" . DC A 1 7  ? -0.079  -3.946  7.506   1.000 92.053  ? 7  DC AAA "O3'" 1 ? 
ATOM 129 C "C2'" . DC A 1 7  ? 0.808   -4.882  5.458   1.000 87.988  ? 7  DC AAA "C2'" 1 ? 
ATOM 130 C "C1'" . DC A 1 7  ? 0.735   -3.554  4.729   1.000 82.195  ? 7  DC AAA "C1'" 1 ? 
ATOM 131 N N1    . DC A 1 7  ? 0.905   -3.589  3.275   1.000 79.145  ? 7  DC AAA N1    1 ? 
ATOM 132 C C2    . DC A 1 7  ? 0.191   -2.667  2.508   1.000 86.722  ? 7  DC AAA C2    1 ? 
ATOM 133 O O2    . DC A 1 7  ? -0.555  -1.861  3.083   1.000 93.280  ? 7  DC AAA O2    1 ? 
ATOM 134 N N3    . DC A 1 7  ? 0.324   -2.679  1.163   1.000 91.990  ? 7  DC AAA N3    1 ? 
ATOM 135 C C4    . DC A 1 7  ? 1.146   -3.556  0.582   1.000 93.165  ? 7  DC AAA C4    1 ? 
ATOM 136 N N4    . DC A 1 7  ? 1.253   -3.525  -0.749  1.000 92.316  ? 7  DC AAA N4    1 ? 
ATOM 137 C C5    . DC A 1 7  ? 1.894   -4.503  1.342   1.000 90.162  ? 7  DC AAA C5    1 ? 
ATOM 138 C C6    . DC A 1 7  ? 1.740   -4.488  2.673   1.000 83.921  ? 7  DC AAA C6    1 ? 
ATOM 139 P P     . DA A 1 8  ? -0.801  -4.832  8.612   1.000 93.984  ? 8  DA AAA P     1 ? 
ATOM 140 O OP1   . DA A 1 8  ? -0.255  -4.423  9.932   1.000 99.813  ? 8  DA AAA OP1   1 ? 
ATOM 141 O OP2   . DA A 1 8  ? -0.760  -6.255  8.186   1.000 86.066  ? 8  DA AAA OP2   1 ? 
ATOM 142 O "O5'" . DA A 1 8  ? -2.304  -4.328  8.502   1.000 88.456  ? 8  DA AAA "O5'" 1 ? 
ATOM 143 C "C5'" . DA A 1 8  ? -2.570  -2.981  8.063   1.000 91.412  ? 8  DA AAA "C5'" 1 ? 
ATOM 144 C "C4'" . DA A 1 8  ? -3.778  -2.942  7.154   1.000 90.602  ? 8  DA AAA "C4'" 1 ? 
ATOM 145 O "O4'" . DA A 1 8  ? -3.384  -3.029  5.763   1.000 86.384  ? 8  DA AAA "O4'" 1 ? 
ATOM 146 C "C3'" . DA A 1 8  ? -4.801  -4.058  7.371   1.000 91.888  ? 8  DA AAA "C3'" 1 ? 
ATOM 147 O "O3'" . DA A 1 8  ? -6.072  -3.430  7.259   1.000 92.564  ? 8  DA AAA "O3'" 1 ? 
ATOM 148 C "C2'" . DA A 1 8  ? -4.547  -4.995  6.203   1.000 90.944  ? 8  DA AAA "C2'" 1 ? 
ATOM 149 C "C1'" . DA A 1 8  ? -4.181  -4.008  5.110   1.000 88.343  ? 8  DA AAA "C1'" 1 ? 
ATOM 150 N N9    . DA A 1 8  ? -3.407  -4.538  3.983   1.000 89.313  ? 8  DA AAA N9    1 ? 
ATOM 151 C C8    . DA A 1 8  ? -2.414  -5.487  4.011   1.000 94.661  ? 8  DA AAA C8    1 ? 
ATOM 152 N N7    . DA A 1 8  ? -1.883  -5.733  2.837   1.000 93.454  ? 8  DA AAA N7    1 ? 
ATOM 153 C C5    . DA A 1 8  ? -2.567  -4.883  1.978   1.000 91.240  ? 8  DA AAA C5    1 ? 
ATOM 154 C C6    . DA A 1 8  ? -2.474  -4.664  0.591   1.000 91.273  ? 8  DA AAA C6    1 ? 
ATOM 155 N N6    . DA A 1 8  ? -1.618  -5.310  -0.204  1.000 91.411  ? 8  DA AAA N6    1 ? 
ATOM 156 N N1    . DA A 1 8  ? -3.306  -3.752  0.041   1.000 86.189  ? 8  DA AAA N1    1 ? 
ATOM 157 C C2    . DA A 1 8  ? -4.166  -3.105  0.839   1.000 90.030  ? 8  DA AAA C2    1 ? 
ATOM 158 N N3    . DA A 1 8  ? -4.347  -3.224  2.155   1.000 91.658  ? 8  DA AAA N3    1 ? 
ATOM 159 C C4    . DA A 1 8  ? -3.508  -4.141  2.670   1.000 89.839  ? 8  DA AAA C4    1 ? 
ATOM 160 P P     . DC A 1 9  ? -7.332  -3.933  8.092   1.000 102.953 ? 9  DC AAA P     1 ? 
ATOM 161 O OP1   . DC A 1 9  ? -7.388  -3.197  9.389   1.000 91.273  ? 9  DC AAA OP1   1 ? 
ATOM 162 O OP2   . DC A 1 9  ? -7.324  -5.419  8.098   1.000 108.388 ? 9  DC AAA OP2   1 ? 
ATOM 163 O "O5'" . DC A 1 9  ? -8.511  -3.387  7.174   1.000 105.859 ? 9  DC AAA "O5'" 1 ? 
ATOM 164 C "C5'" . DC A 1 9  ? -8.346  -2.152  6.427   1.000 105.899 ? 9  DC AAA "C5'" 1 ? 
ATOM 165 C "C4'" . DC A 1 9  ? -8.927  -2.280  5.037   1.000 101.227 ? 9  DC AAA "C4'" 1 ? 
ATOM 166 O "O4'" . DC A 1 9  ? -7.973  -2.952  4.177   1.000 89.059  ? 9  DC AAA "O4'" 1 ? 
ATOM 167 C "C3'" . DC A 1 9  ? -10.215 -3.109  4.968   1.000 101.957 ? 9  DC AAA "C3'" 1 ? 
ATOM 168 O "O3'" . DC A 1 9  ? -11.149 -2.568  4.029   1.000 100.655 ? 9  DC AAA "O3'" 1 ? 
ATOM 169 C "C2'" . DC A 1 9  ? -9.725  -4.459  4.485   1.000 94.576  ? 9  DC AAA "C2'" 1 ? 
ATOM 170 C "C1'" . DC A 1 9  ? -8.643  -4.015  3.528   1.000 88.639  ? 9  DC AAA "C1'" 1 ? 
ATOM 171 N N1    . DC A 1 9  ? -7.654  -5.031  3.187   1.000 82.603  ? 9  DC AAA N1    1 ? 
ATOM 172 C C2    . DC A 1 9  ? -7.168  -5.067  1.879   1.000 83.858  ? 9  DC AAA C2    1 ? 
ATOM 173 O O2    . DC A 1 9  ? -7.586  -4.232  1.064   1.000 80.364  ? 9  DC AAA O2    1 ? 
ATOM 174 N N3    . DC A 1 9  ? -6.257  -6.006  1.536   1.000 88.748  ? 9  DC AAA N3    1 ? 
ATOM 175 C C4    . DC A 1 9  ? -5.836  -6.891  2.446   1.000 98.550  ? 9  DC AAA C4    1 ? 
ATOM 176 N N4    . DC A 1 9  ? -4.936  -7.803  2.065   1.000 102.093 ? 9  DC AAA N4    1 ? 
ATOM 177 C C5    . DC A 1 9  ? -6.325  -6.883  3.785   1.000 94.676  ? 9  DC AAA C5    1 ? 
ATOM 178 C C6    . DC A 1 9  ? -7.227  -5.946  4.109   1.000 86.807  ? 9  DC AAA C6    1 ? 
ATOM 179 P P     . DG A 1 10 ? -12.721 -2.832  4.200   1.000 101.062 ? 10 DG AAA P     1 ? 
ATOM 180 O OP1   . DG A 1 10 ? -13.311 -1.604  4.784   1.000 95.022  ? 10 DG AAA OP1   1 ? 
ATOM 181 O OP2   . DG A 1 10 ? -12.929 -4.150  4.858   1.000 97.389  ? 10 DG AAA OP2   1 ? 
ATOM 182 O "O5'" . DG A 1 10 ? -13.211 -3.027  2.699   1.000 97.879  ? 10 DG AAA "O5'" 1 ? 
ATOM 183 C "C5'" . DG A 1 10 ? -12.587 -2.306  1.619   1.000 101.798 ? 10 DG AAA "C5'" 1 ? 
ATOM 184 C "C4'" . DG A 1 10 ? -12.611 -3.114  0.340   1.000 103.571 ? 10 DG AAA "C4'" 1 ? 
ATOM 185 O "O4'" . DG A 1 10 ? -11.504 -4.050  0.306   1.000 102.705 ? 10 DG AAA "O4'" 1 ? 
ATOM 186 C "C3'" . DG A 1 10 ? -13.864 -3.962  0.121   1.000 101.816 ? 10 DG AAA "C3'" 1 ? 
ATOM 187 O "O3'" . DG A 1 10 ? -14.169 -3.981  -1.276  1.000 98.270  ? 10 DG AAA "O3'" 1 ? 
ATOM 188 C "C2'" . DG A 1 10 ? -13.422 -5.333  0.592   1.000 100.259 ? 10 DG AAA "C2'" 1 ? 
ATOM 189 C "C1'" . DG A 1 10 ? -12.014 -5.344  0.038   1.000 97.828  ? 10 DG AAA "C1'" 1 ? 
ATOM 190 N N9    . DG A 1 10 ? -11.096 -6.318  0.614   1.000 95.539  ? 10 DG AAA N9    1 ? 
ATOM 191 C C8    . DG A 1 10 ? -11.046 -6.776  1.909   1.000 101.597 ? 10 DG AAA C8    1 ? 
ATOM 192 N N7    . DG A 1 10 ? -10.094 -7.648  2.108   1.000 99.604  ? 10 DG AAA N7    1 ? 
ATOM 193 C C5    . DG A 1 10 ? -9.487  -7.779  0.867   1.000 94.554  ? 10 DG AAA C5    1 ? 
ATOM 194 C C6    . DG A 1 10 ? -8.396  -8.595  0.454   1.000 98.719  ? 10 DG AAA C6    1 ? 
ATOM 195 O O6    . DG A 1 10 ? -7.724  -9.387  1.126   1.000 105.374 ? 10 DG AAA O6    1 ? 
ATOM 196 N N1    . DG A 1 10 ? -8.104  -8.412  -0.893  1.000 93.745  ? 10 DG AAA N1    1 ? 
ATOM 197 C C2    . DG A 1 10 ? -8.774  -7.560  -1.736  1.000 94.933  ? 10 DG AAA C2    1 ? 
ATOM 198 N N2    . DG A 1 10 ? -8.344  -7.523  -3.001  1.000 100.005 ? 10 DG AAA N2    1 ? 
ATOM 199 N N3    . DG A 1 10 ? -9.790  -6.800  -1.366  1.000 92.260  ? 10 DG AAA N3    1 ? 
ATOM 200 C C4    . DG A 1 10 ? -10.092 -6.961  -0.063  1.000 90.785  ? 10 DG AAA C4    1 ? 
ATOM 201 P P     . DG A 1 11 ? -15.689 -3.928  -1.760  1.000 102.141 ? 11 DG AAA P     1 ? 
ATOM 202 O OP1   . DG A 1 11 ? -16.114 -2.504  -1.821  1.000 101.870 ? 11 DG AAA OP1   1 ? 
ATOM 203 O OP2   . DG A 1 11 ? -16.467 -4.902  -0.961  1.000 106.610 ? 11 DG AAA OP2   1 ? 
ATOM 204 O "O5'" . DG A 1 11 ? -15.603 -4.488  -3.240  1.000 87.358  ? 11 DG AAA "O5'" 1 ? 
ATOM 205 C "C5'" . DG A 1 11 ? -14.429 -4.251  -4.015  1.000 84.767  ? 11 DG AAA "C5'" 1 ? 
ATOM 206 C "C4'" . DG A 1 11 ? -13.976 -5.563  -4.597  1.000 84.973  ? 11 DG AAA "C4'" 1 ? 
ATOM 207 O "O4'" . DG A 1 11 ? -13.255 -6.311  -3.590  1.000 84.992  ? 11 DG AAA "O4'" 1 ? 
ATOM 208 C "C3'" . DG A 1 11 ? -15.122 -6.474  -5.054  1.000 87.656  ? 11 DG AAA "C3'" 1 ? 
ATOM 209 O "O3'" . DG A 1 11 ? -14.777 -7.020  -6.333  1.000 93.187  ? 11 DG AAA "O3'" 1 ? 
ATOM 210 C "C2'" . DG A 1 11 ? -15.147 -7.550  -3.982  1.000 88.230  ? 11 DG AAA "C2'" 1 ? 
ATOM 211 C "C1'" . DG A 1 11 ? -13.667 -7.657  -3.706  1.000 88.404  ? 11 DG AAA "C1'" 1 ? 
ATOM 212 N N9    . DG A 1 11 ? -13.244 -8.370  -2.503  1.000 96.157  ? 11 DG AAA N9    1 ? 
ATOM 213 C C8    . DG A 1 11 ? -13.768 -8.267  -1.237  1.000 103.524 ? 11 DG AAA C8    1 ? 
ATOM 214 N N7    . DG A 1 11 ? -13.157 -9.028  -0.366  1.000 104.888 ? 11 DG AAA N7    1 ? 
ATOM 215 C C5    . DG A 1 11 ? -12.168 -9.669  -1.103  1.000 104.115 ? 11 DG AAA C5    1 ? 
ATOM 216 C C6    . DG A 1 11 ? -11.187 -10.625 -0.703  1.000 99.894  ? 11 DG AAA C6    1 ? 
ATOM 217 O O6    . DG A 1 11 ? -10.989 -11.108 0.419   1.000 96.858  ? 11 DG AAA O6    1 ? 
ATOM 218 N N1    . DG A 1 11 ? -10.385 -11.013 -1.770  1.000 95.058  ? 11 DG AAA N1    1 ? 
ATOM 219 C C2    . DG A 1 11 ? -10.511 -10.553 -3.059  1.000 98.086  ? 11 DG AAA C2    1 ? 
ATOM 220 N N2    . DG A 1 11 ? -9.645  -11.051 -3.951  1.000 98.796  ? 11 DG AAA N2    1 ? 
ATOM 221 N N3    . DG A 1 11 ? -11.424 -9.674  -3.446  1.000 95.775  ? 11 DG AAA N3    1 ? 
ATOM 222 C C4    . DG A 1 11 ? -12.208 -9.273  -2.423  1.000 100.643 ? 11 DG AAA C4    1 ? 
ATOM 223 P P     . DC A 1 12 ? -15.884 -7.259  -7.490  1.000 100.581 ? 12 DC AAA P     1 ? 
ATOM 224 O OP1   . DC A 1 12 ? -15.971 -6.034  -8.320  1.000 95.820  ? 12 DC AAA OP1   1 ? 
ATOM 225 O OP2   . DC A 1 12 ? -17.104 -7.827  -6.879  1.000 96.820  ? 12 DC AAA OP2   1 ? 
ATOM 226 O "O5'" . DC A 1 12 ? -15.182 -8.369  -8.384  1.000 91.660  ? 12 DC AAA "O5'" 1 ? 
ATOM 227 C "C5'" . DC A 1 12 ? -13.741 -8.394  -8.452  1.000 93.360  ? 12 DC AAA "C5'" 1 ? 
ATOM 228 C "C4'" . DC A 1 12 ? -13.247 -9.814  -8.331  1.000 92.175  ? 12 DC AAA "C4'" 1 ? 
ATOM 229 O "O4'" . DC A 1 12 ? -13.086 -10.169 -6.938  1.000 85.736  ? 12 DC AAA "O4'" 1 ? 
ATOM 230 C "C3'" . DC A 1 12 ? -14.209 -10.849 -8.923  1.000 93.107  ? 12 DC AAA "C3'" 1 ? 
ATOM 231 O "O3'" . DC A 1 12 ? -13.482 -11.862 -9.627  1.000 107.800 ? 12 DC AAA "O3'" 1 ? 
ATOM 232 C "C2'" . DC A 1 12 ? -14.861 -11.449 -7.696  1.000 88.405  ? 12 DC AAA "C2'" 1 ? 
ATOM 233 C "C1'" . DC A 1 12 ? -13.675 -11.442 -6.764  1.000 86.321  ? 12 DC AAA "C1'" 1 ? 
ATOM 234 N N1    . DC A 1 12 ? -13.998 -11.608 -5.349  1.000 87.581  ? 12 DC AAA N1    1 ? 
ATOM 235 C C2    . DC A 1 12 ? -13.289 -12.556 -4.614  1.000 90.477  ? 12 DC AAA C2    1 ? 
ATOM 236 O O2    . DC A 1 12 ? -12.405 -13.211 -5.185  1.000 91.638  ? 12 DC AAA O2    1 ? 
ATOM 237 N N3    . DC A 1 12 ? -13.573 -12.731 -3.302  1.000 96.526  ? 12 DC AAA N3    1 ? 
ATOM 238 C C4    . DC A 1 12 ? -14.539 -12.005 -2.729  1.000 103.155 ? 12 DC AAA C4    1 ? 
ATOM 239 N N4    . DC A 1 12 ? -14.784 -12.205 -1.430  1.000 109.487 ? 12 DC AAA N4    1 ? 
ATOM 240 C C5    . DC A 1 12 ? -15.284 -11.035 -3.460  1.000 97.401  ? 12 DC AAA C5    1 ? 
ATOM 241 C C6    . DC A 1 12 ? -14.987 -10.874 -4.756  1.000 92.540  ? 12 DC AAA C6    1 ? 
ATOM 242 P P     . DG B 2 1  ? -8.694  -20.063 4.320   1.000 96.541  ? 13 DG BBB P     1 ? 
ATOM 243 O OP1   . DG B 2 1  ? -8.560  -21.529 4.519   1.000 92.679  ? 13 DG BBB OP1   1 ? 
ATOM 244 O OP2   . DG B 2 1  ? -8.145  -19.122 5.334   1.000 106.528 ? 13 DG BBB OP2   1 ? 
ATOM 245 O "O5'" . DG B 2 1  ? -7.903  -19.738 2.984   1.000 86.706  ? 13 DG BBB "O5'" 1 ? 
ATOM 246 C "C5'" . DG B 2 1  ? -8.070  -20.583 1.846   1.000 86.687  ? 13 DG BBB "C5'" 1 ? 
ATOM 247 C "C4'" . DG B 2 1  ? -7.734  -19.807 0.597   1.000 87.443  ? 13 DG BBB "C4'" 1 ? 
ATOM 248 O "O4'" . DG B 2 1  ? -8.774  -18.846 0.311   1.000 86.564  ? 13 DG BBB "O4'" 1 ? 
ATOM 249 C "C3'" . DG B 2 1  ? -6.458  -18.986 0.702   1.000 86.473  ? 13 DG BBB "C3'" 1 ? 
ATOM 250 O "O3'" . DG B 2 1  ? -5.910  -18.966 -0.602  1.000 84.441  ? 13 DG BBB "O3'" 1 ? 
ATOM 251 C "C2'" . DG B 2 1  ? -6.964  -17.604 1.056   1.000 83.759  ? 13 DG BBB "C2'" 1 ? 
ATOM 252 C "C1'" . DG B 2 1  ? -8.195  -17.566 0.186   1.000 84.440  ? 13 DG BBB "C1'" 1 ? 
ATOM 253 N N9    . DG B 2 1  ? -9.201  -16.589 0.563   1.000 86.855  ? 13 DG BBB N9    1 ? 
ATOM 254 C C8    . DG B 2 1  ? -9.562  -16.193 1.828   1.000 92.772  ? 13 DG BBB C8    1 ? 
ATOM 255 N N7    . DG B 2 1  ? -10.501 -15.285 1.832   1.000 91.675  ? 13 DG BBB N7    1 ? 
ATOM 256 C C5    . DG B 2 1  ? -10.769 -15.065 0.488   1.000 87.889  ? 13 DG BBB C5    1 ? 
ATOM 257 C C6    . DG B 2 1  ? -11.683 -14.176 -0.133  1.000 91.151  ? 13 DG BBB C6    1 ? 
ATOM 258 O O6    . DG B 2 1  ? -12.465 -13.379 0.397   1.000 90.750  ? 13 DG BBB O6    1 ? 
ATOM 259 N N1    . DG B 2 1  ? -11.629 -14.274 -1.519  1.000 95.061  ? 13 DG BBB N1    1 ? 
ATOM 260 C C2    . DG B 2 1  ? -10.798 -15.115 -2.218  1.000 100.052 ? 13 DG BBB C2    1 ? 
ATOM 261 N N2    . DG B 2 1  ? -10.894 -15.068 -3.553  1.000 107.926 ? 13 DG BBB N2    1 ? 
ATOM 262 N N3    . DG B 2 1  ? -9.938  -15.945 -1.651  1.000 92.685  ? 13 DG BBB N3    1 ? 
ATOM 263 C C4    . DG B 2 1  ? -9.975  -15.864 -0.306  1.000 87.327  ? 13 DG BBB C4    1 ? 
ATOM 264 P P     . DC B 2 2  ? -4.361  -18.896 -0.756  1.000 97.751  ? 14 DC BBB P     1 ? 
ATOM 265 O OP1   . DC B 2 2  ? -3.852  -20.285 -0.817  1.000 95.870  ? 14 DC BBB OP1   1 ? 
ATOM 266 O OP2   . DC B 2 2  ? -3.845  -17.955 0.272   1.000 106.772 ? 14 DC BBB OP2   1 ? 
ATOM 267 O "O5'" . DC B 2 2  ? -4.186  -18.226 -2.182  1.000 91.241  ? 14 DC BBB "O5'" 1 ? 
ATOM 268 C "C5'" . DC B 2 2  ? -5.217  -18.330 -3.168  1.000 92.884  ? 14 DC BBB "C5'" 1 ? 
ATOM 269 C "C4'" . DC B 2 2  ? -5.404  -16.991 -3.839  1.000 90.929  ? 14 DC BBB "C4'" 1 ? 
ATOM 270 O "O4'" . DC B 2 2  ? -6.362  -16.195 -3.101  1.000 88.538  ? 14 DC BBB "O4'" 1 ? 
ATOM 271 C "C3'" . DC B 2 2  ? -4.134  -16.140 -3.940  1.000 88.906  ? 14 DC BBB "C3'" 1 ? 
ATOM 272 O "O3'" . DC B 2 2  ? -4.046  -15.693 -5.293  1.000 87.831  ? 14 DC BBB "O3'" 1 ? 
ATOM 273 C "C2'" . DC B 2 2  ? -4.374  -15.020 -2.939  1.000 88.737  ? 14 DC BBB "C2'" 1 ? 
ATOM 274 C "C1'" . DC B 2 2  ? -5.877  -14.871 -3.029  1.000 87.208  ? 14 DC BBB "C1'" 1 ? 
ATOM 275 N N1    . DC B 2 2  ? -6.569  -14.207 -1.918  1.000 85.258  ? 14 DC BBB N1    1 ? 
ATOM 276 C C2    . DC B 2 2  ? -7.543  -13.252 -2.220  1.000 89.820  ? 14 DC BBB C2    1 ? 
ATOM 277 O O2    . DC B 2 2  ? -7.739  -12.955 -3.404  1.000 95.695  ? 14 DC BBB O2    1 ? 
ATOM 278 N N3    . DC B 2 2  ? -8.230  -12.663 -1.216  1.000 87.706  ? 14 DC BBB N3    1 ? 
ATOM 279 C C4    . DC B 2 2  ? -7.994  -13.017 0.047   1.000 93.093  ? 14 DC BBB C4    1 ? 
ATOM 280 N N4    . DC B 2 2  ? -8.695  -12.408 1.005   1.000 96.165  ? 14 DC BBB N4    1 ? 
ATOM 281 C C5    . DC B 2 2  ? -7.025  -14.009 0.384   1.000 93.762  ? 14 DC BBB C5    1 ? 
ATOM 282 C C6    . DC B 2 2  ? -6.349  -14.580 -0.622  1.000 89.074  ? 14 DC BBB C6    1 ? 
ATOM 283 P P     . DC B 2 3  ? -2.670  -15.184 -5.905  1.000 93.319  ? 15 DC BBB P     1 ? 
ATOM 284 O OP1   . DC B 2 3  ? -2.215  -16.194 -6.894  1.000 85.623  ? 15 DC BBB OP1   1 ? 
ATOM 285 O OP2   . DC B 2 3  ? -1.768  -14.799 -4.783  1.000 87.719  ? 15 DC BBB OP2   1 ? 
ATOM 286 O "O5'" . DC B 2 3  ? -3.134  -13.880 -6.690  1.000 82.662  ? 15 DC BBB "O5'" 1 ? 
ATOM 287 C "C5'" . DC B 2 3  ? -4.421  -13.817 -7.342  1.000 80.262  ? 15 DC BBB "C5'" 1 ? 
ATOM 288 C "C4'" . DC B 2 3  ? -4.921  -12.393 -7.339  1.000 78.358  ? 15 DC BBB "C4'" 1 ? 
ATOM 289 O "O4'" . DC B 2 3  ? -5.449  -12.059 -6.035  1.000 76.072  ? 15 DC BBB "O4'" 1 ? 
ATOM 290 C "C3'" . DC B 2 3  ? -3.837  -11.354 -7.618  1.000 80.983  ? 15 DC BBB "C3'" 1 ? 
ATOM 291 O "O3'" . DC B 2 3  ? -4.379  -10.341 -8.452  1.000 82.922  ? 15 DC BBB "O3'" 1 ? 
ATOM 292 C "C2'" . DC B 2 3  ? -3.502  -10.809 -6.242  1.000 79.843  ? 15 DC BBB "C2'" 1 ? 
ATOM 293 C "C1'" . DC B 2 3  ? -4.865  -10.843 -5.594  1.000 77.445  ? 15 DC BBB "C1'" 1 ? 
ATOM 294 N N1    . DC B 2 3  ? -4.920  -10.816 -4.117  1.000 79.249  ? 15 DC BBB N1    1 ? 
ATOM 295 C C2    . DC B 2 3  ? -5.858  -9.978  -3.512  1.000 81.685  ? 15 DC BBB C2    1 ? 
ATOM 296 O O2    . DC B 2 3  ? -6.575  -9.272  -4.230  1.000 95.388  ? 15 DC BBB O2    1 ? 
ATOM 297 N N3    . DC B 2 3  ? -5.958  -9.954  -2.164  1.000 79.038  ? 15 DC BBB N3    1 ? 
ATOM 298 C C4    . DC B 2 3  ? -5.168  -10.735 -1.425  1.000 82.370  ? 15 DC BBB C4    1 ? 
ATOM 299 N N4    . DC B 2 3  ? -5.297  -10.672 -0.099  1.000 83.543  ? 15 DC BBB N4    1 ? 
ATOM 300 C C5    . DC B 2 3  ? -4.206  -11.605 -2.014  1.000 86.499  ? 15 DC BBB C5    1 ? 
ATOM 301 C C6    . DC B 2 3  ? -4.118  -11.616 -3.353  1.000 86.738  ? 15 DC BBB C6    1 ? 
ATOM 302 P P     . DG B 2 4  ? -3.418  -9.468  -9.380  1.000 93.792  ? 16 DG BBB P     1 ? 
ATOM 303 O OP1   . DG B 2 4  ? -3.480  -10.024 -10.752 1.000 85.884  ? 16 DG BBB OP1   1 ? 
ATOM 304 O OP2   . DG B 2 4  ? -2.090  -9.344  -8.717  1.000 92.212  ? 16 DG BBB OP2   1 ? 
ATOM 305 O "O5'" . DG B 2 4  ? -4.177  -8.077  -9.370  1.000 76.152  ? 16 DG BBB "O5'" 1 ? 
ATOM 306 C "C5'" . DG B 2 4  ? -5.584  -8.053  -9.120  1.000 76.394  ? 16 DG BBB "C5'" 1 ? 
ATOM 307 C "C4'" . DG B 2 4  ? -5.921  -6.826  -8.314  1.000 79.177  ? 16 DG BBB "C4'" 1 ? 
ATOM 308 O "O4'" . DG B 2 4  ? -5.838  -7.119  -6.902  1.000 77.204  ? 16 DG BBB "O4'" 1 ? 
ATOM 309 C "C3'" . DG B 2 4  ? -4.971  -5.656  -8.546  1.000 85.959  ? 16 DG BBB "C3'" 1 ? 
ATOM 310 O "O3'" . DG B 2 4  ? -5.783  -4.494  -8.583  1.000 98.021  ? 16 DG BBB "O3'" 1 ? 
ATOM 311 C "C2'" . DG B 2 4  ? -4.109  -5.647  -7.299  1.000 81.817  ? 16 DG BBB "C2'" 1 ? 
ATOM 312 C "C1'" . DG B 2 4  ? -5.122  -6.077  -6.270  1.000 80.114  ? 16 DG BBB "C1'" 1 ? 
ATOM 313 N N9    . DG B 2 4  ? -4.563  -6.606  -5.033  1.000 86.424  ? 16 DG BBB N9    1 ? 
ATOM 314 C C8    . DG B 2 4  ? -3.505  -7.475  -4.917  1.000 96.614  ? 16 DG BBB C8    1 ? 
ATOM 315 N N7    . DG B 2 4  ? -3.240  -7.795  -3.679  1.000 97.361  ? 16 DG BBB N7    1 ? 
ATOM 316 C C5    . DG B 2 4  ? -4.179  -7.098  -2.932  1.000 91.695  ? 16 DG BBB C5    1 ? 
ATOM 317 C C6    . DG B 2 4  ? -4.384  -7.047  -1.527  1.000 95.772  ? 16 DG BBB C6    1 ? 
ATOM 318 O O6    . DG B 2 4  ? -3.755  -7.629  -0.633  1.000 98.166  ? 16 DG BBB O6    1 ? 
ATOM 319 N N1    . DG B 2 4  ? -5.450  -6.214  -1.196  1.000 90.975  ? 16 DG BBB N1    1 ? 
ATOM 320 C C2    . DG B 2 4  ? -6.221  -5.522  -2.099  1.000 90.025  ? 16 DG BBB C2    1 ? 
ATOM 321 N N2    . DG B 2 4  ? -7.209  -4.779  -1.583  1.000 91.612  ? 16 DG BBB N2    1 ? 
ATOM 322 N N3    . DG B 2 4  ? -6.036  -5.556  -3.412  1.000 85.690  ? 16 DG BBB N3    1 ? 
ATOM 323 C C4    . DG B 2 4  ? -5.006  -6.359  -3.754  1.000 88.078  ? 16 DG BBB C4    1 ? 
ATOM 324 P P     . DT B 2 5  ? -5.404  -3.257  -9.518  1.000 105.074 ? 17 DT BBB P     1 ? 
ATOM 325 O OP1   . DT B 2 5  ? -5.992  -3.512  -10.857 1.000 104.102 ? 17 DT BBB OP1   1 ? 
ATOM 326 O OP2   . DT B 2 5  ? -3.931  -2.984  -9.390  1.000 98.155  ? 17 DT BBB OP2   1 ? 
ATOM 327 O "O5'" . DT B 2 5  ? -6.240  -2.090  -8.825  1.000 104.219 ? 17 DT BBB "O5'" 1 ? 
ATOM 328 C "C5'" . DT B 2 5  ? -7.300  -2.386  -7.872  1.000 103.137 ? 17 DT BBB "C5'" 1 ? 
ATOM 329 C "C4'" . DT B 2 5  ? -7.154  -1.554  -6.617  1.000 96.752  ? 17 DT BBB "C4'" 1 ? 
ATOM 330 O "O4'" . DT B 2 5  ? -6.411  -2.274  -5.602  1.000 93.470  ? 17 DT BBB "O4'" 1 ? 
ATOM 331 C "C3'" . DT B 2 5  ? -6.433  -0.216  -6.798  1.000 92.438  ? 17 DT BBB "C3'" 1 ? 
ATOM 332 O "O3'" . DT B 2 5  ? -7.161  0.779   -6.092  1.000 93.220  ? 17 DT BBB "O3'" 1 ? 
ATOM 333 C "C2'" . DT B 2 5  ? -5.076  -0.442  -6.157  1.000 90.581  ? 17 DT BBB "C2'" 1 ? 
ATOM 334 C "C1'" . DT B 2 5  ? -5.436  -1.410  -5.047  1.000 87.997  ? 17 DT BBB "C1'" 1 ? 
ATOM 335 N N1    . DT B 2 5  ? -4.330  -2.239  -4.537  1.000 85.991  ? 17 DT BBB N1    1 ? 
ATOM 336 C C2    . DT B 2 5  ? -4.342  -2.566  -3.199  1.000 95.200  ? 17 DT BBB C2    1 ? 
ATOM 337 O O2    . DT B 2 5  ? -5.217  -2.200  -2.432  1.000 103.099 ? 17 DT BBB O2    1 ? 
ATOM 338 N N3    . DT B 2 5  ? -3.280  -3.332  -2.788  1.000 99.174  ? 17 DT BBB N3    1 ? 
ATOM 339 C C4    . DT B 2 5  ? -2.234  -3.794  -3.564  1.000 96.804  ? 17 DT BBB C4    1 ? 
ATOM 340 O O4    . DT B 2 5  ? -1.347  -4.474  -3.052  1.000 100.292 ? 17 DT BBB O4    1 ? 
ATOM 341 C C5    . DT B 2 5  ? -2.286  -3.413  -4.959  1.000 91.290  ? 17 DT BBB C5    1 ? 
ATOM 342 C C7    . DT B 2 5  ? -1.195  -3.867  -5.878  1.000 94.710  ? 17 DT BBB C7    1 ? 
ATOM 343 C C6    . DT B 2 5  ? -3.314  -2.660  -5.369  1.000 85.701  ? 17 DT BBB C6    1 ? 
ATOM 344 P P     . DG B 2 6  ? -7.002  2.311   -6.474  1.000 100.844 ? 18 DG BBB P     1 ? 
ATOM 345 O OP1   . DG B 2 6  ? -8.210  2.704   -7.247  1.000 95.110  ? 18 DG BBB OP1   1 ? 
ATOM 346 O OP2   . DG B 2 6  ? -5.644  2.503   -7.068  1.000 96.850  ? 18 DG BBB OP2   1 ? 
ATOM 347 O "O5'" . DG B 2 6  ? -7.036  3.016   -5.041  1.000 101.619 ? 18 DG BBB "O5'" 1 ? 
ATOM 348 C "C5'" . DG B 2 6  ? -7.834  2.479   -3.950  1.000 102.981 ? 18 DG BBB "C5'" 1 ? 
ATOM 349 C "C4'" . DG B 2 6  ? -7.207  2.766   -2.601  1.000 96.688  ? 18 DG BBB "C4'" 1 ? 
ATOM 350 O "O4'" . DG B 2 6  ? -6.174  1.793   -2.301  1.000 96.387  ? 18 DG BBB "O4'" 1 ? 
ATOM 351 C "C3'" . DG B 2 6  ? -6.532  4.129   -2.466  1.000 93.958  ? 18 DG BBB "C3'" 1 ? 
ATOM 352 O "O3'" . DG B 2 6  ? -6.695  4.538   -1.116  1.000 87.728  ? 18 DG BBB "O3'" 1 ? 
ATOM 353 C "C2'" . DG B 2 6  ? -5.070  3.812   -2.714  1.000 95.982  ? 18 DG BBB "C2'" 1 ? 
ATOM 354 C "C1'" . DG B 2 6  ? -4.965  2.478   -1.998  1.000 96.900  ? 18 DG BBB "C1'" 1 ? 
ATOM 355 N N9    . DG B 2 6  ? -3.845  1.614   -2.367  1.000 97.235  ? 18 DG BBB N9    1 ? 
ATOM 356 C C8    . DG B 2 6  ? -3.270  1.455   -3.607  1.000 100.439 ? 18 DG BBB C8    1 ? 
ATOM 357 N N7    . DG B 2 6  ? -2.276  0.608   -3.605  1.000 99.196  ? 18 DG BBB N7    1 ? 
ATOM 358 C C5    . DG B 2 6  ? -2.183  0.189   -2.283  1.000 98.156  ? 18 DG BBB C5    1 ? 
ATOM 359 C C6    . DG B 2 6  ? -1.288  -0.730  -1.665  1.000 98.078  ? 18 DG BBB C6    1 ? 
ATOM 360 O O6    . DG B 2 6  ? -0.363  -1.374  -2.178  1.000 94.791  ? 18 DG BBB O6    1 ? 
ATOM 361 N N1    . DG B 2 6  ? -1.552  -0.863  -0.304  1.000 95.035  ? 18 DG BBB N1    1 ? 
ATOM 362 C C2    . DG B 2 6  ? -2.538  -0.195  0.380   1.000 94.359  ? 18 DG BBB C2    1 ? 
ATOM 363 N N2    . DG B 2 6  ? -2.628  -0.453  1.693   1.000 93.265  ? 18 DG BBB N2    1 ? 
ATOM 364 N N3    . DG B 2 6  ? -3.377  0.660   -0.183  1.000 94.247  ? 18 DG BBB N3    1 ? 
ATOM 365 C C4    . DG B 2 6  ? -3.144  0.802   -1.506  1.000 96.049  ? 18 DG BBB C4    1 ? 
ATOM 366 P P     . DG B 2 7  ? -7.158  6.001   -0.788  1.000 94.174  ? 19 DG BBB P     1 ? 
ATOM 367 O OP1   . DG B 2 7  ? -8.632  6.031   -0.892  1.000 95.024  ? 19 DG BBB OP1   1 ? 
ATOM 368 O OP2   . DG B 2 7  ? -6.316  6.954   -1.567  1.000 95.384  ? 19 DG BBB OP2   1 ? 
ATOM 369 O "O5'" . DG B 2 7  ? -6.772  6.152   0.745   1.000 91.248  ? 19 DG BBB "O5'" 1 ? 
ATOM 370 C "C5'" . DG B 2 7  ? -6.755  5.011   1.617   1.000 90.110  ? 19 DG BBB "C5'" 1 ? 
ATOM 371 C "C4'" . DG B 2 7  ? -5.427  4.907   2.335   1.000 92.228  ? 19 DG BBB "C4'" 1 ? 
ATOM 372 O "O4'" . DG B 2 7  ? -4.470  4.125   1.573   1.000 90.144  ? 19 DG BBB "O4'" 1 ? 
ATOM 373 C "C3'" . DG B 2 7  ? -4.722  6.232   2.640   1.000 91.187  ? 19 DG BBB "C3'" 1 ? 
ATOM 374 O "O3'" . DG B 2 7  ? -4.134  6.144   3.929   1.000 86.782  ? 19 DG BBB "O3'" 1 ? 
ATOM 375 C "C2'" . DG B 2 7  ? -3.550  6.234   1.680   1.000 91.296  ? 19 DG BBB "C2'" 1 ? 
ATOM 376 C "C1'" . DG B 2 7  ? -3.220  4.763   1.704   1.000 84.264  ? 19 DG BBB "C1'" 1 ? 
ATOM 377 N N9    . DG B 2 7  ? -2.357  4.293   0.636   1.000 81.137  ? 19 DG BBB N9    1 ? 
ATOM 378 C C8    . DG B 2 7  ? -2.300  4.727   -0.667  1.000 81.754  ? 19 DG BBB C8    1 ? 
ATOM 379 N N7    . DG B 2 7  ? -1.388  4.115   -1.371  1.000 81.280  ? 19 DG BBB N7    1 ? 
ATOM 380 C C5    . DG B 2 7  ? -0.804  3.227   -0.475  1.000 84.044  ? 19 DG BBB C5    1 ? 
ATOM 381 C C6    . DG B 2 7  ? 0.249   2.291   -0.659  1.000 89.727  ? 19 DG BBB C6    1 ? 
ATOM 382 O O6    . DG B 2 7  ? 0.898   2.048   -1.686  1.000 92.509  ? 19 DG BBB O6    1 ? 
ATOM 383 N N1    . DG B 2 7  ? 0.526   1.598   0.515   1.000 87.129  ? 19 DG BBB N1    1 ? 
ATOM 384 C C2    . DG B 2 7  ? -0.124  1.778   1.711   1.000 83.577  ? 19 DG BBB C2    1 ? 
ATOM 385 N N2    . DG B 2 7  ? 0.289   1.012   2.730   1.000 85.250  ? 19 DG BBB N2    1 ? 
ATOM 386 N N3    . DG B 2 7  ? -1.107  2.643   1.894   1.000 77.208  ? 19 DG BBB N3    1 ? 
ATOM 387 C C4    . DG B 2 7  ? -1.391  3.329   0.767   1.000 77.997  ? 19 DG BBB C4    1 ? 
ATOM 388 P P     . DT B 2 8  ? -4.210  7.369   4.923   1.000 97.279  ? 20 DT BBB P     1 ? 
ATOM 389 O OP1   . DT B 2 8  ? -5.516  7.295   5.631   1.000 92.628  ? 20 DT BBB OP1   1 ? 
ATOM 390 O OP2   . DT B 2 8  ? -3.821  8.604   4.184   1.000 97.303  ? 20 DT BBB OP2   1 ? 
ATOM 391 O "O5'" . DT B 2 8  ? -3.059  7.011   5.959   1.000 91.408  ? 20 DT BBB "O5'" 1 ? 
ATOM 392 C "C5'" . DT B 2 8  ? -2.873  5.652   6.383   1.000 86.673  ? 20 DT BBB "C5'" 1 ? 
ATOM 393 C "C4'" . DT B 2 8  ? -1.400  5.329   6.429   1.000 89.119  ? 20 DT BBB "C4'" 1 ? 
ATOM 394 O "O4'" . DT B 2 8  ? -0.912  5.024   5.100   1.000 94.897  ? 20 DT BBB "O4'" 1 ? 
ATOM 395 C "C3'" . DT B 2 8  ? -0.514  6.465   6.947   1.000 90.086  ? 20 DT BBB "C3'" 1 ? 
ATOM 396 O "O3'" . DT B 2 8  ? 0.448   5.885   7.819   1.000 92.171  ? 20 DT BBB "O3'" 1 ? 
ATOM 397 C "C2'" . DT B 2 8  ? 0.165   6.989   5.697   1.000 90.425  ? 20 DT BBB "C2'" 1 ? 
ATOM 398 C "C1'" . DT B 2 8  ? 0.324   5.694   4.926   1.000 95.797  ? 20 DT BBB "C1'" 1 ? 
ATOM 399 N N1    . DT B 2 8  ? 0.595   5.798   3.473   1.000 103.255 ? 20 DT BBB N1    1 ? 
ATOM 400 C C2    . DT B 2 8  ? 1.585   4.994   2.946   1.000 105.974 ? 20 DT BBB C2    1 ? 
ATOM 401 O O2    . DT B 2 8  ? 2.243   4.218   3.620   1.000 109.069 ? 20 DT BBB O2    1 ? 
ATOM 402 N N3    . DT B 2 8  ? 1.782   5.140   1.595   1.000 104.723 ? 20 DT BBB N3    1 ? 
ATOM 403 C C4    . DT B 2 8  ? 1.104   5.987   0.737   1.000 101.026 ? 20 DT BBB C4    1 ? 
ATOM 404 O O4    . DT B 2 8  ? 1.399   6.014   -0.455  1.000 99.370  ? 20 DT BBB O4    1 ? 
ATOM 405 C C5    . DT B 2 8  ? 0.076   6.797   1.355   1.000 97.040  ? 20 DT BBB C5    1 ? 
ATOM 406 C C7    . DT B 2 8  ? -0.707  7.747   0.505   1.000 96.974  ? 20 DT BBB C7    1 ? 
ATOM 407 C C6    . DT B 2 8  ? -0.125  6.662   2.673   1.000 102.936 ? 20 DT BBB C6    1 ? 
ATOM 408 P P     . DG B 2 9  ? 0.903   6.660   9.113   1.000 99.101  ? 21 DG BBB P     1 ? 
ATOM 409 O OP1   . DG B 2 9  ? 0.036   6.228   10.231  1.000 95.243  ? 21 DG BBB OP1   1 ? 
ATOM 410 O OP2   . DG B 2 9  ? 0.981   8.103   8.770   1.000 102.350 ? 21 DG BBB OP2   1 ? 
ATOM 411 O "O5'" . DG B 2 9  ? 2.369   6.093   9.362   1.000 92.558  ? 21 DG BBB "O5'" 1 ? 
ATOM 412 C "C5'" . DG B 2 9  ? 2.707   4.714   9.122   1.000 86.660  ? 21 DG BBB "C5'" 1 ? 
ATOM 413 C "C4'" . DG B 2 9  ? 4.080   4.643   8.499   1.000 83.726  ? 21 DG BBB "C4'" 1 ? 
ATOM 414 O "O4'" . DG B 2 9  ? 3.956   4.972   7.097   1.000 83.286  ? 21 DG BBB "O4'" 1 ? 
ATOM 415 C "C3'" . DG B 2 9  ? 5.092   5.632   9.091   1.000 83.330  ? 21 DG BBB "C3'" 1 ? 
ATOM 416 O "O3'" . DG B 2 9  ? 6.286   4.929   9.476   1.000 87.815  ? 21 DG BBB "O3'" 1 ? 
ATOM 417 C "C2'" . DG B 2 9  ? 5.249   6.681   7.999   1.000 79.557  ? 21 DG BBB "C2'" 1 ? 
ATOM 418 C "C1'" . DG B 2 9  ? 4.983   5.872   6.748   1.000 80.991  ? 21 DG BBB "C1'" 1 ? 
ATOM 419 N N9    . DG B 2 9  ? 4.539   6.630   5.586   1.000 82.246  ? 21 DG BBB N9    1 ? 
ATOM 420 C C8    . DG B 2 9  ? 3.668   7.692   5.565   1.000 87.795  ? 21 DG BBB C8    1 ? 
ATOM 421 N N7    . DG B 2 9  ? 3.470   8.168   4.365   1.000 93.040  ? 21 DG BBB N7    1 ? 
ATOM 422 C C5    . DG B 2 9  ? 4.254   7.367   3.543   1.000 86.932  ? 21 DG BBB C5    1 ? 
ATOM 423 C C6    . DG B 2 9  ? 4.455   7.405   2.132   1.000 86.808  ? 21 DG BBB C6    1 ? 
ATOM 424 O O6    . DG B 2 9  ? 3.966   8.179   1.299   1.000 89.842  ? 21 DG BBB O6    1 ? 
ATOM 425 N N1    . DG B 2 9  ? 5.331   6.409   1.715   1.000 80.192  ? 21 DG BBB N1    1 ? 
ATOM 426 C C2    . DG B 2 9  ? 5.945   5.506   2.542   1.000 84.981  ? 21 DG BBB C2    1 ? 
ATOM 427 N N2    . DG B 2 9  ? 6.768   4.632   1.949   1.000 90.246  ? 21 DG BBB N2    1 ? 
ATOM 428 N N3    . DG B 2 9  ? 5.769   5.458   3.853   1.000 82.372  ? 21 DG BBB N3    1 ? 
ATOM 429 C C4    . DG B 2 9  ? 4.916   6.411   4.282   1.000 82.043  ? 21 DG BBB C4    1 ? 
ATOM 430 P P     . DG B 2 10 ? 7.433   5.613   10.421  1.000 101.706 ? 22 DG BBB P     1 ? 
ATOM 431 O OP1   . DG B 2 10 ? 7.586   4.804   11.660  1.000 92.753  ? 22 DG BBB OP1   1 ? 
ATOM 432 O OP2   . DG B 2 10 ? 7.179   7.078   10.534  1.000 102.536 ? 22 DG BBB OP2   1 ? 
ATOM 433 O "O5'" . DG B 2 10 ? 8.750   5.366   9.561   1.000 106.122 ? 22 DG BBB "O5'" 1 ? 
ATOM 434 C "C5'" . DG B 2 10 ? 8.832   4.238   8.653   1.000 105.277 ? 22 DG BBB "C5'" 1 ? 
ATOM 435 C "C4'" . DG B 2 10 ? 9.691   4.560   7.449   1.000 101.819 ? 22 DG BBB "C4'" 1 ? 
ATOM 436 O "O4'" . DG B 2 10 ? 8.939   5.314   6.464   1.000 97.709  ? 22 DG BBB "O4'" 1 ? 
ATOM 437 C "C3'" . DG B 2 10 ? 10.952  5.379   7.741   1.000 96.509  ? 22 DG BBB "C3'" 1 ? 
ATOM 438 O "O3'" . DG B 2 10 ? 12.063  4.757   7.097   1.000 95.927  ? 22 DG BBB "O3'" 1 ? 
ATOM 439 C "C2'" . DG B 2 10 ? 10.636  6.742   7.153   1.000 93.372  ? 22 DG BBB "C2'" 1 ? 
ATOM 440 C "C1'" . DG B 2 10 ? 9.724   6.392   5.998   1.000 88.325  ? 22 DG BBB "C1'" 1 ? 
ATOM 441 N N9    . DG B 2 10 ? 8.817   7.449   5.562   1.000 90.853  ? 22 DG BBB N9    1 ? 
ATOM 442 C C8    . DG B 2 10 ? 8.113   8.335   6.344   1.000 95.193  ? 22 DG BBB C8    1 ? 
ATOM 443 N N7    . DG B 2 10 ? 7.379   9.161   5.648   1.000 97.035  ? 22 DG BBB N7    1 ? 
ATOM 444 C C5    . DG B 2 10 ? 7.616   8.802   4.326   1.000 95.708  ? 22 DG BBB C5    1 ? 
ATOM 445 C C6    . DG B 2 10 ? 7.099   9.341   3.113   1.000 98.000  ? 22 DG BBB C6    1 ? 
ATOM 446 O O6    . DG B 2 10 ? 6.304   10.278  2.960   1.000 102.165 ? 22 DG BBB O6    1 ? 
ATOM 447 N N1    . DG B 2 10 ? 7.595   8.667   2.001   1.000 95.843  ? 22 DG BBB N1    1 ? 
ATOM 448 C C2    . DG B 2 10 ? 8.481   7.617   2.045   1.000 99.756  ? 22 DG BBB C2    1 ? 
ATOM 449 N N2    . DG B 2 10 ? 8.848   7.101   0.863   1.000 106.356 ? 22 DG BBB N2    1 ? 
ATOM 450 N N3    . DG B 2 10 ? 8.969   7.107   3.164   1.000 95.004  ? 22 DG BBB N3    1 ? 
ATOM 451 C C4    . DG B 2 10 ? 8.497   7.743   4.258   1.000 93.425  ? 22 DG BBB C4    1 ? 
ATOM 452 P P     . DG B 2 11 ? 13.561  4.980   7.628   1.000 100.904 ? 23 DG BBB P     1 ? 
ATOM 453 O OP1   . DG B 2 11 ? 13.986  3.753   8.356   1.000 98.306  ? 23 DG BBB OP1   1 ? 
ATOM 454 O OP2   . DG B 2 11 ? 13.619  6.290   8.313   1.000 103.441 ? 23 DG BBB OP2   1 ? 
ATOM 455 O "O5'" . DG B 2 11 ? 14.373  5.089   6.265   1.000 85.778  ? 23 DG BBB "O5'" 1 ? 
ATOM 456 C "C5'" . DG B 2 11 ? 13.817  4.535   5.055   1.000 87.512  ? 23 DG BBB "C5'" 1 ? 
ATOM 457 C "C4'" . DG B 2 11 ? 14.165  5.395   3.864   1.000 83.187  ? 23 DG BBB "C4'" 1 ? 
ATOM 458 O "O4'" . DG B 2 11 ? 13.128  6.380   3.637   1.000 80.513  ? 23 DG BBB "O4'" 1 ? 
ATOM 459 C "C3'" . DG B 2 11 ? 15.455  6.188   4.037   1.000 83.866  ? 23 DG BBB "C3'" 1 ? 
ATOM 460 O "O3'" . DG B 2 11 ? 16.137  6.213   2.785   1.000 90.243  ? 23 DG BBB "O3'" 1 ? 
ATOM 461 C "C2'" . DG B 2 11 ? 14.956  7.554   4.463   1.000 84.034  ? 23 DG BBB "C2'" 1 ? 
ATOM 462 C "C1'" . DG B 2 11 ? 13.710  7.672   3.617   1.000 82.435  ? 23 DG BBB "C1'" 1 ? 
ATOM 463 N N9    . DG B 2 11 ? 12.704  8.629   4.073   1.000 87.982  ? 23 DG BBB N9    1 ? 
ATOM 464 C C8    . DG B 2 11 ? 12.329  8.909   5.366   1.000 93.165  ? 23 DG BBB C8    1 ? 
ATOM 465 N N7    . DG B 2 11 ? 11.377  9.800   5.443   1.000 89.970  ? 23 DG BBB N7    1 ? 
ATOM 466 C C5    . DG B 2 11 ? 11.110  10.131  4.122   1.000 88.088  ? 23 DG BBB C5    1 ? 
ATOM 467 C C6    . DG B 2 11 ? 10.168  11.040  3.574   1.000 88.517  ? 23 DG BBB C6    1 ? 
ATOM 468 O O6    . DG B 2 11 ? 9.349   11.750  4.165   1.000 84.534  ? 23 DG BBB O6    1 ? 
ATOM 469 N N1    . DG B 2 11 ? 10.237  11.070  2.185   1.000 96.185  ? 23 DG BBB N1    1 ? 
ATOM 470 C C2    . DG B 2 11 ? 11.091  10.314  1.419   1.000 97.159  ? 23 DG BBB C2    1 ? 
ATOM 471 N N2    . DG B 2 11 ? 11.003  10.479  0.090   1.000 97.273  ? 23 DG BBB N2    1 ? 
ATOM 472 N N3    . DG B 2 11 ? 11.968  9.458   1.917   1.000 89.556  ? 23 DG BBB N3    1 ? 
ATOM 473 C C4    . DG B 2 11 ? 11.924  9.419   3.265   1.000 88.350  ? 23 DG BBB C4    1 ? 
ATOM 474 P P     . DC B 2 12 ? 17.733  6.421   2.729   1.000 99.142  ? 24 DC BBB P     1 ? 
ATOM 475 O OP1   . DC B 2 12 ? 18.351  5.097   2.509   1.000 99.735  ? 24 DC BBB OP1   1 ? 
ATOM 476 O OP2   . DC B 2 12 ? 18.153  7.220   3.911   1.000 92.856  ? 24 DC BBB OP2   1 ? 
ATOM 477 O "O5'" . DC B 2 12 ? 17.913  7.272   1.390   1.000 96.966  ? 24 DC BBB "O5'" 1 ? 
ATOM 478 C "C5'" . DC B 2 12 ? 17.068  7.005   0.247   1.000 98.658  ? 24 DC BBB "C5'" 1 ? 
ATOM 479 C "C4'" . DC B 2 12 ? 16.721  8.289   -0.470  1.000 96.737  ? 24 DC BBB "C4'" 1 ? 
ATOM 480 O "O4'" . DC B 2 12 ? 15.703  9.017   0.263   1.000 94.843  ? 24 DC BBB "O4'" 1 ? 
ATOM 481 C "C3'" . DC B 2 12 ? 17.895  9.259   -0.636  1.000 95.790  ? 24 DC BBB "C3'" 1 ? 
ATOM 482 O "O3'" . DC B 2 12 ? 17.862  9.853   -1.939  1.000 105.754 ? 24 DC BBB "O3'" 1 ? 
ATOM 483 C "C2'" . DC B 2 12 ? 17.609  10.322  0.404   1.000 96.867  ? 24 DC BBB "C2'" 1 ? 
ATOM 484 C "C1'" . DC B 2 12 ? 16.099  10.375  0.321   1.000 93.391  ? 24 DC BBB "C1'" 1 ? 
ATOM 485 N N1    . DC B 2 12 ? 15.401  11.024  1.450   1.000 92.733  ? 24 DC BBB N1    1 ? 
ATOM 486 C C2    . DC B 2 12 ? 14.333  11.881  1.170   1.000 97.945  ? 24 DC BBB C2    1 ? 
ATOM 487 O O2    . DC B 2 12 ? 13.995  12.047  -0.010  1.000 111.022 ? 24 DC BBB O2    1 ? 
ATOM 488 N N3    . DC B 2 12 ? 13.691  12.496  2.190   1.000 98.932  ? 24 DC BBB N3    1 ? 
ATOM 489 C C4    . DC B 2 12 ? 14.086  12.288  3.448   1.000 99.981  ? 24 DC BBB C4    1 ? 
ATOM 490 N N4    . DC B 2 12 ? 13.425  12.913  4.423   1.000 105.063 ? 24 DC BBB N4    1 ? 
ATOM 491 C C5    . DC B 2 12 ? 15.176  11.428  3.761   1.000 95.254  ? 24 DC BBB C5    1 ? 
ATOM 492 C C6    . DC B 2 12 ? 15.806  10.829  2.741   1.000 94.059  ? 24 DC BBB C6    1 ? 
# 
